data_6Q71
#
_entry.id   6Q71
#
_cell.length_a   73.241
_cell.length_b   73.241
_cell.length_c   333.534
_cell.angle_alpha   90.00
_cell.angle_beta   90.00
_cell.angle_gamma   90.00
#
_symmetry.space_group_name_H-M   'P 43 2 2'
#
loop_
_entity.id
_entity.type
_entity.pdbx_description
1 polymer 'Alanine racemase 2'
2 non-polymer "PYRIDOXAL-5'-PHOSPHATE"
3 non-polymer 'CHLORIDE ION'
4 non-polymer 'MAGNESIUM ION'
5 water water
#
_entity_poly.entity_id   1
_entity_poly.type   'polypeptide(L)'
_entity_poly.pdbx_seq_one_letter_code
;MIKLCREVWIEVNLDAVKKNLRAIRRHIPHKSKIMAVVKANGYGHGSIEVARHALEHGASELAVASVEEGIVLRKAGITA
PILVLGFTSLSCVKKSAAWNITLSAFQVDWMKEANEILEKEASANRLAIHINVDTGMGRLGVRTKEELLEVVKALKASKF
LRWTGIFTHFSTADEPDTTLTKLQHEKFISFLSFLKKQGIELPTVHMCNTAAAIAFPEFSADMIRLGIGLYGLYPSAYIK
QLNLVKLEPALSLKARIAYVKTMRTEPRTVSYGATYIAEPNEVIATLPIGYADGYSRALSNRGFVLHRGKRVPVAGRVTM
DMIMVSLGENGEGKQGDEVVIYGKQKGAEISVDEVAEMLNTINYEVVSTLSRRIPRFYIRDGEIFKVSTPVLYV
;
_entity_poly.pdbx_strand_id   A,B
#
loop_
_chem_comp.id
_chem_comp.type
_chem_comp.name
_chem_comp.formula
CL non-polymer 'CHLORIDE ION' 'Cl -1'
MG non-polymer 'MAGNESIUM ION' 'Mg 2'
PLP non-polymer PYRIDOXAL-5'-PHOSPHATE 'C8 H10 N O6 P'
#
# COMPACT_ATOMS: atom_id res chain seq x y z
N MET A 1 -18.20 -1.68 21.02
CA MET A 1 -17.37 -2.52 20.13
C MET A 1 -17.36 -1.86 18.74
N ILE A 2 -16.30 -2.05 17.95
CA ILE A 2 -16.17 -1.34 16.70
C ILE A 2 -17.28 -1.72 15.72
N LYS A 3 -17.81 -0.73 15.01
CA LYS A 3 -18.83 -0.94 13.97
C LYS A 3 -18.31 -0.51 12.60
N LEU A 4 -18.09 -1.51 11.74
CA LEU A 4 -17.55 -1.31 10.42
C LEU A 4 -18.40 -2.03 9.40
N CYS A 5 -18.37 -1.54 8.16
CA CYS A 5 -19.04 -2.21 7.07
C CYS A 5 -18.19 -3.41 6.63
N ARG A 6 -16.90 -3.12 6.39
CA ARG A 6 -15.90 -4.12 6.07
C ARG A 6 -15.09 -4.29 7.33
N GLU A 7 -15.14 -5.47 7.93
CA GLU A 7 -14.66 -5.64 9.30
C GLU A 7 -13.17 -6.04 9.40
N VAL A 8 -12.29 -5.13 8.96
CA VAL A 8 -10.85 -5.27 9.09
C VAL A 8 -10.36 -3.92 9.63
N TRP A 9 -9.47 -3.92 10.61
CA TRP A 9 -9.01 -2.66 11.17
C TRP A 9 -7.64 -2.81 11.83
N ILE A 10 -6.98 -1.68 12.05
CA ILE A 10 -5.71 -1.63 12.77
C ILE A 10 -5.97 -1.01 14.13
N GLU A 11 -5.30 -1.55 15.15
CA GLU A 11 -5.25 -0.91 16.47
C GLU A 11 -3.81 -0.53 16.75
N VAL A 12 -3.61 0.76 17.04
CA VAL A 12 -2.29 1.29 17.41
C VAL A 12 -2.34 1.69 18.86
N ASN A 13 -1.51 1.06 19.67
CA ASN A 13 -1.50 1.27 21.10
C ASN A 13 -0.50 2.38 21.48
N LEU A 14 -1.03 3.52 21.87
CA LEU A 14 -0.21 4.68 22.14
C LEU A 14 0.44 4.60 23.51
N ASP A 15 -0.08 3.75 24.38
CA ASP A 15 0.59 3.47 25.64
C ASP A 15 1.91 2.78 25.36
N ALA A 16 1.90 1.85 24.41
CA ALA A 16 3.12 1.18 24.00
C ALA A 16 4.08 2.19 23.38
N VAL A 17 3.58 3.05 22.48
CA VAL A 17 4.41 4.10 21.90
C VAL A 17 5.07 4.97 23.00
N LYS A 18 4.30 5.37 24.02
CA LYS A 18 4.86 6.13 25.15
C LYS A 18 6.01 5.38 25.85
N LYS A 19 5.79 4.11 26.15
CA LYS A 19 6.83 3.29 26.78
C LYS A 19 8.06 3.11 25.94
N ASN A 20 7.87 2.96 24.62
CA ASN A 20 9.00 2.86 23.73
C ASN A 20 9.87 4.13 23.75
N LEU A 21 9.21 5.29 23.73
CA LEU A 21 9.91 6.57 23.79
C LEU A 21 10.67 6.71 25.08
N ARG A 22 9.98 6.34 26.15
CA ARG A 22 10.53 6.42 27.48
C ARG A 22 11.75 5.46 27.59
N ALA A 23 11.63 4.25 27.04
CA ALA A 23 12.75 3.32 27.09
C ALA A 23 13.99 3.84 26.34
N ILE A 24 13.78 4.43 25.16
CA ILE A 24 14.88 5.03 24.40
C ILE A 24 15.43 6.28 25.13
N ARG A 25 14.53 7.12 25.65
CA ARG A 25 14.95 8.32 26.40
C ARG A 25 15.87 7.93 27.55
N ARG A 26 15.47 6.89 28.27
CA ARG A 26 16.20 6.44 29.46
C ARG A 26 17.56 5.84 29.13
N HIS A 27 17.74 5.46 27.85
CA HIS A 27 18.94 4.78 27.41
C HIS A 27 20.01 5.73 26.82
N ILE A 28 19.59 6.77 26.10
CA ILE A 28 20.55 7.66 25.45
C ILE A 28 20.90 8.77 26.43
N PRO A 29 21.93 9.57 26.13
CA PRO A 29 22.34 10.63 27.06
C PRO A 29 21.22 11.61 27.37
N HIS A 30 21.17 12.05 28.61
CA HIS A 30 20.15 13.00 29.05
C HIS A 30 19.99 14.26 28.17
N LYS A 31 21.08 14.78 27.63
CA LYS A 31 21.02 16.03 26.86
C LYS A 31 20.42 15.83 25.44
N SER A 32 20.33 14.59 25.00
CA SER A 32 20.01 14.31 23.59
C SER A 32 18.50 14.40 23.34
N LYS A 33 18.11 15.13 22.30
CA LYS A 33 16.72 15.20 21.88
C LYS A 33 16.34 14.02 21.02
N ILE A 34 15.04 13.81 20.88
CA ILE A 34 14.53 12.79 20.01
C ILE A 34 13.70 13.40 18.90
N MET A 35 14.08 13.07 17.67
CA MET A 35 13.27 13.39 16.50
C MET A 35 12.50 12.13 16.14
N ALA A 36 11.17 12.18 16.24
CA ALA A 36 10.36 11.02 15.92
C ALA A 36 10.14 10.88 14.43
N VAL A 37 10.45 9.72 13.87
CA VAL A 37 10.37 9.55 12.42
C VAL A 37 8.99 8.98 12.06
N VAL A 38 8.18 9.80 11.45
CA VAL A 38 6.84 9.41 11.14
C VAL A 38 6.54 9.47 9.65
N LYS A 39 7.55 9.26 8.82
CA LYS A 39 7.42 9.20 7.39
C LYS A 39 6.58 7.99 6.94
N ALA A 40 6.12 7.96 5.70
CA ALA A 40 5.30 6.88 5.18
C ALA A 40 4.11 6.61 6.09
N ASN A 41 3.41 7.69 6.46
CA ASN A 41 2.21 7.60 7.27
C ASN A 41 2.47 6.95 8.63
N GLY A 42 3.54 7.38 9.28
CA GLY A 42 3.92 6.83 10.59
C GLY A 42 4.25 5.33 10.48
N TYR A 43 5.04 5.00 9.47
CA TYR A 43 5.37 3.61 9.19
C TYR A 43 4.10 2.77 9.14
N GLY A 44 3.06 3.32 8.49
CA GLY A 44 1.75 2.68 8.40
C GLY A 44 0.88 2.72 9.66
N HIS A 45 1.35 3.39 10.70
CA HIS A 45 0.60 3.44 11.93
C HIS A 45 -0.37 4.64 12.00
N GLY A 46 -0.24 5.56 11.03
CA GLY A 46 -0.92 6.85 11.07
C GLY A 46 0.02 7.95 11.57
N SER A 47 0.48 8.81 10.66
CA SER A 47 1.45 9.82 11.05
C SER A 47 0.94 10.82 12.11
N ILE A 48 -0.30 11.29 11.97
CA ILE A 48 -0.79 12.33 12.88
C ILE A 48 -0.87 11.91 14.36
N GLU A 49 -1.57 10.82 14.66
CA GLU A 49 -1.76 10.49 16.08
C GLU A 49 -0.47 9.99 16.70
N VAL A 50 0.39 9.34 15.93
CA VAL A 50 1.67 8.92 16.49
C VAL A 50 2.52 10.18 16.74
N ALA A 51 2.60 11.09 15.78
CA ALA A 51 3.35 12.33 15.98
C ALA A 51 2.86 13.09 17.20
N ARG A 52 1.56 13.27 17.29
CA ARG A 52 1.00 13.95 18.44
C ARG A 52 1.40 13.30 19.75
N HIS A 53 1.32 11.97 19.82
CA HIS A 53 1.60 11.34 21.10
C HIS A 53 3.07 11.49 21.44
N ALA A 54 3.93 11.32 20.43
CA ALA A 54 5.37 11.38 20.62
C ALA A 54 5.84 12.74 21.15
N LEU A 55 5.29 13.80 20.58
CA LEU A 55 5.67 15.15 20.96
C LEU A 55 5.22 15.44 22.39
N GLU A 56 4.22 14.72 22.87
CA GLU A 56 3.79 14.84 24.27
C GLU A 56 4.66 14.05 25.23
N HIS A 57 5.36 13.00 24.76
CA HIS A 57 6.04 12.08 25.68
C HIS A 57 7.51 11.83 25.41
N GLY A 58 8.23 12.85 24.97
CA GLY A 58 9.67 12.76 24.86
C GLY A 58 10.29 13.26 23.56
N ALA A 59 9.51 13.36 22.50
CA ALA A 59 10.08 13.80 21.23
C ALA A 59 9.90 15.29 21.11
N SER A 60 10.82 15.98 20.45
CA SER A 60 10.64 17.43 20.26
C SER A 60 10.54 17.82 18.78
N GLU A 61 10.97 16.97 17.85
CA GLU A 61 10.90 17.28 16.42
C GLU A 61 10.42 16.03 15.68
N LEU A 62 10.05 16.20 14.41
CA LEU A 62 9.54 15.12 13.59
C LEU A 62 10.32 15.01 12.29
N ALA A 63 10.36 13.82 11.70
CA ALA A 63 10.94 13.65 10.36
C ALA A 63 9.92 13.00 9.46
N VAL A 64 9.91 13.45 8.20
CA VAL A 64 9.04 12.88 7.18
C VAL A 64 9.80 12.70 5.87
N ALA A 65 9.18 12.04 4.89
CA ALA A 65 9.79 11.80 3.57
C ALA A 65 9.62 12.96 2.60
N SER A 66 8.61 13.79 2.82
CA SER A 66 8.25 14.79 1.81
C SER A 66 7.59 15.99 2.43
N VAL A 67 7.61 17.09 1.70
CA VAL A 67 6.87 18.27 2.11
C VAL A 67 5.41 17.92 2.31
N GLU A 68 4.85 17.13 1.39
CA GLU A 68 3.42 16.79 1.47
C GLU A 68 3.10 16.07 2.81
N GLU A 69 3.97 15.16 3.26
CA GLU A 69 3.78 14.47 4.54
C GLU A 69 3.83 15.43 5.68
N GLY A 70 4.69 16.44 5.56
CA GLY A 70 4.78 17.47 6.58
C GLY A 70 3.53 18.36 6.64
N ILE A 71 2.98 18.65 5.47
CA ILE A 71 1.79 19.48 5.40
C ILE A 71 0.59 18.78 6.06
N VAL A 72 0.49 17.45 5.87
CA VAL A 72 -0.57 16.71 6.53
C VAL A 72 -0.55 16.94 8.07
N LEU A 73 0.64 16.94 8.65
CA LEU A 73 0.83 17.07 10.09
C LEU A 73 0.49 18.50 10.56
N ARG A 74 0.94 19.47 9.77
CA ARG A 74 0.61 20.90 9.98
C ARG A 74 -0.90 21.12 9.95
N LYS A 75 -1.60 20.53 8.98
CA LYS A 75 -3.04 20.71 8.92
C LYS A 75 -3.73 20.11 10.13
N ALA A 76 -3.14 19.09 10.76
CA ALA A 76 -3.72 18.52 11.99
C ALA A 76 -3.39 19.35 13.22
N GLY A 77 -2.67 20.46 13.04
CA GLY A 77 -2.37 21.33 14.16
C GLY A 77 -1.02 21.12 14.83
N ILE A 78 -0.19 20.28 14.25
CA ILE A 78 1.13 20.05 14.83
C ILE A 78 2.05 21.21 14.47
N THR A 79 2.70 21.81 15.46
CA THR A 79 3.53 22.99 15.22
C THR A 79 5.03 22.74 15.42
N ALA A 80 5.38 21.55 15.92
CA ALA A 80 6.79 21.20 16.14
C ALA A 80 7.60 21.21 14.85
N PRO A 81 8.93 21.40 14.96
CA PRO A 81 9.76 21.32 13.74
C PRO A 81 9.58 19.98 13.00
N ILE A 82 9.58 20.07 11.68
CA ILE A 82 9.41 18.92 10.83
C ILE A 82 10.50 18.93 9.76
N LEU A 83 11.31 17.88 9.73
CA LEU A 83 12.40 17.78 8.78
C LEU A 83 12.01 16.86 7.66
N VAL A 84 12.20 17.32 6.42
CA VAL A 84 12.04 16.45 5.24
C VAL A 84 13.39 15.76 4.97
N LEU A 85 13.43 14.42 5.02
CA LEU A 85 14.71 13.65 4.92
C LEU A 85 15.23 13.46 3.49
N GLY A 86 14.32 13.52 2.53
CA GLY A 86 14.67 13.30 1.14
C GLY A 86 14.85 14.58 0.39
N PHE A 87 14.87 14.47 -0.93
CA PHE A 87 15.10 15.64 -1.77
C PHE A 87 13.80 16.41 -2.01
N THR A 88 13.87 17.72 -1.86
CA THR A 88 12.72 18.58 -2.18
C THR A 88 13.02 19.48 -3.37
N SER A 89 12.18 19.37 -4.40
CA SER A 89 12.33 20.20 -5.59
C SER A 89 12.26 21.69 -5.28
N LEU A 90 13.04 22.49 -6.00
CA LEU A 90 13.02 23.93 -5.82
C LEU A 90 11.62 24.52 -6.05
N SER A 91 10.74 23.81 -6.74
CA SER A 91 9.40 24.35 -6.97
C SER A 91 8.62 24.43 -5.66
N CYS A 92 9.11 23.79 -4.61
CA CYS A 92 8.40 23.78 -3.34
C CYS A 92 9.11 24.57 -2.25
N VAL A 93 10.08 25.40 -2.61
CA VAL A 93 10.79 26.17 -1.59
C VAL A 93 9.81 27.19 -0.93
N LYS A 94 9.03 27.92 -1.72
CA LYS A 94 8.11 28.93 -1.18
C LYS A 94 7.08 28.32 -0.21
N LYS A 95 6.40 27.29 -0.69
CA LYS A 95 5.48 26.50 0.13
C LYS A 95 6.10 25.96 1.44
N SER A 96 7.32 25.45 1.39
CA SER A 96 7.90 24.89 2.60
C SER A 96 8.12 26.01 3.62
N ALA A 97 8.47 27.22 3.13
CA ALA A 97 8.67 28.38 4.00
C ALA A 97 7.34 28.83 4.61
N ALA A 98 6.29 28.84 3.80
CA ALA A 98 4.97 29.23 4.34
C ALA A 98 4.50 28.27 5.44
N TRP A 99 4.81 27.00 5.30
CA TRP A 99 4.29 25.99 6.21
C TRP A 99 5.30 25.70 7.32
N ASN A 100 6.40 26.47 7.37
CA ASN A 100 7.43 26.30 8.39
C ASN A 100 7.98 24.86 8.44
N ILE A 101 8.23 24.30 7.25
CA ILE A 101 8.77 22.97 7.12
C ILE A 101 10.28 23.09 6.88
N THR A 102 11.07 22.23 7.55
CA THR A 102 12.52 22.23 7.43
C THR A 102 12.93 21.26 6.32
N LEU A 103 13.77 21.71 5.40
CA LEU A 103 14.18 20.88 4.27
C LEU A 103 15.65 20.42 4.42
N SER A 104 15.93 19.22 3.92
CA SER A 104 17.30 18.73 3.75
C SER A 104 17.85 19.21 2.39
N ALA A 105 19.11 19.63 2.36
CA ALA A 105 19.79 19.98 1.09
C ALA A 105 21.29 19.75 1.28
N PHE A 106 21.88 19.67 0.45
CA PHE A 106 23.34 19.48 0.41
C PHE A 106 24.02 19.95 -0.89
N GLN A 107 23.83 20.83 -1.62
CA GLN A 107 24.45 21.26 -2.89
C GLN A 107 24.50 22.80 -2.91
N VAL A 108 25.63 23.37 -3.28
CA VAL A 108 25.73 24.83 -3.39
C VAL A 108 24.62 25.41 -4.29
N ASP A 109 24.43 24.83 -5.47
CA ASP A 109 23.46 25.41 -6.40
C ASP A 109 22.05 25.42 -5.84
N TRP A 110 21.66 24.36 -5.15
CA TRP A 110 20.32 24.31 -4.56
C TRP A 110 20.16 25.42 -3.52
N MET A 111 21.17 25.61 -2.67
CA MET A 111 21.08 26.67 -1.64
C MET A 111 20.87 28.01 -2.32
N LYS A 112 21.68 28.28 -3.36
CA LYS A 112 21.64 29.57 -4.04
C LYS A 112 20.34 29.84 -4.78
N GLU A 113 19.84 28.83 -5.50
CA GLU A 113 18.58 28.99 -6.22
C GLU A 113 17.38 29.09 -5.26
N ALA A 114 17.39 28.32 -4.18
CA ALA A 114 16.32 28.41 -3.21
C ALA A 114 16.31 29.81 -2.57
N ASN A 115 17.48 30.31 -2.20
CA ASN A 115 17.58 31.63 -1.63
C ASN A 115 17.06 32.67 -2.60
N GLU A 116 17.34 32.49 -3.88
CA GLU A 116 16.92 33.43 -4.91
C GLU A 116 15.39 33.47 -5.03
N ILE A 117 14.74 32.32 -4.96
CA ILE A 117 13.28 32.27 -4.98
C ILE A 117 12.69 33.12 -3.85
N LEU A 118 13.21 32.91 -2.65
CA LEU A 118 12.70 33.58 -1.48
C LEU A 118 12.96 35.10 -1.51
N GLU A 119 14.10 35.46 -2.08
CA GLU A 119 14.52 36.85 -2.27
C GLU A 119 13.49 37.62 -3.08
N LYS A 120 13.06 36.99 -4.16
CA LYS A 120 12.10 37.52 -5.09
C LYS A 120 10.75 37.69 -4.42
N GLU A 121 10.55 37.00 -3.30
CA GLU A 121 9.25 37.02 -2.66
C GLU A 121 9.22 37.93 -1.44
N ALA A 122 8.01 38.26 -1.03
CA ALA A 122 7.75 38.99 0.21
C ALA A 122 7.94 37.93 1.28
N SER A 123 9.19 37.58 1.57
CA SER A 123 9.45 36.46 2.46
C SER A 123 9.92 36.90 3.85
N ALA A 124 8.97 36.89 4.78
CA ALA A 124 9.14 37.30 6.19
C ALA A 124 9.70 36.21 7.13
N ASN A 125 10.11 35.08 6.58
CA ASN A 125 10.71 34.06 7.41
C ASN A 125 11.78 33.33 6.60
N ARG A 126 12.86 32.96 7.27
CA ARG A 126 13.90 32.19 6.61
C ARG A 126 13.43 30.73 6.56
N LEU A 127 13.85 30.04 5.53
CA LEU A 127 13.57 28.63 5.38
C LEU A 127 14.63 27.84 6.15
N ALA A 128 14.21 27.01 7.10
CA ALA A 128 15.19 26.17 7.83
C ALA A 128 15.69 25.04 6.97
N ILE A 129 17.01 24.82 7.05
CA ILE A 129 17.70 23.81 6.23
C ILE A 129 18.62 22.94 7.13
N HIS A 130 18.55 21.60 6.96
CA HIS A 130 19.60 20.72 7.47
C HIS A 130 20.50 20.27 6.31
N ILE A 131 21.81 20.21 6.56
CA ILE A 131 22.73 19.62 5.59
C ILE A 131 22.93 18.14 5.84
N ASN A 132 22.73 17.36 4.78
CA ASN A 132 23.01 15.92 4.77
C ASN A 132 24.46 15.65 4.34
N VAL A 133 25.23 15.00 5.21
CA VAL A 133 26.58 14.51 4.86
C VAL A 133 26.48 13.02 4.60
N ASP A 134 26.85 12.62 3.39
CA ASP A 134 26.85 11.21 3.00
C ASP A 134 28.21 10.64 3.41
N THR A 135 28.21 9.80 4.46
CA THR A 135 29.43 9.16 4.95
C THR A 135 29.50 7.68 4.57
N GLY A 136 28.58 7.21 3.73
CA GLY A 136 28.66 5.82 3.28
C GLY A 136 27.36 5.14 2.89
N MET A 137 26.25 5.83 3.14
CA MET A 137 24.96 5.29 2.76
C MET A 137 24.82 5.40 1.25
N GLY A 138 25.50 6.38 0.66
CA GLY A 138 25.49 6.57 -0.78
C GLY A 138 24.16 6.96 -1.42
N ARG A 139 23.26 7.54 -0.63
CA ARG A 139 21.89 7.84 -1.08
C ARG A 139 21.77 9.33 -1.39
N LEU A 140 21.72 10.16 -0.37
CA LEU A 140 21.84 11.60 -0.56
C LEU A 140 22.92 12.15 0.36
N GLY A 141 23.41 13.35 0.05
CA GLY A 141 24.32 14.07 0.91
C GLY A 141 25.63 14.42 0.25
N VAL A 142 26.37 15.37 0.84
CA VAL A 142 27.68 15.78 0.31
C VAL A 142 28.75 14.83 0.87
N ARG A 143 29.76 14.51 0.07
CA ARG A 143 30.67 13.37 0.39
C ARG A 143 32.13 13.76 0.71
N THR A 144 32.49 15.02 0.54
CA THR A 144 33.83 15.51 0.84
C THR A 144 33.83 16.74 1.75
N LYS A 145 34.95 16.94 2.44
CA LYS A 145 35.13 18.06 3.35
C LYS A 145 35.12 19.37 2.62
N GLU A 146 35.79 19.40 1.48
CA GLU A 146 35.91 20.62 0.70
C GLU A 146 34.55 21.05 0.14
N GLU A 147 33.77 20.12 -0.38
CA GLU A 147 32.44 20.46 -0.86
C GLU A 147 31.47 20.81 0.29
N LEU A 148 31.58 20.13 1.43
CA LEU A 148 30.78 20.47 2.61
C LEU A 148 30.99 21.96 3.00
N LEU A 149 32.24 22.39 3.03
CA LEU A 149 32.54 23.77 3.38
C LEU A 149 31.94 24.77 2.38
N GLU A 150 31.97 24.43 1.10
CA GLU A 150 31.38 25.31 0.10
C GLU A 150 29.86 25.40 0.29
N VAL A 151 29.22 24.28 0.64
CA VAL A 151 27.77 24.25 0.86
C VAL A 151 27.40 25.08 2.10
N VAL A 152 28.17 24.91 3.17
CA VAL A 152 27.95 25.66 4.39
C VAL A 152 28.14 27.18 4.13
N LYS A 153 29.18 27.57 3.40
CA LYS A 153 29.39 28.97 3.06
C LYS A 153 28.24 29.53 2.22
N ALA A 154 27.72 28.73 1.30
CA ALA A 154 26.58 29.15 0.48
C ALA A 154 25.31 29.35 1.31
N LEU A 155 25.06 28.39 2.19
CA LEU A 155 23.92 28.45 3.09
C LEU A 155 24.00 29.68 4.00
N LYS A 156 25.17 29.91 4.59
CA LYS A 156 25.36 31.07 5.47
C LYS A 156 25.24 32.40 4.72
N ALA A 157 25.69 32.42 3.47
CA ALA A 157 25.62 33.63 2.65
C ALA A 157 24.19 33.87 2.16
N SER A 158 23.34 32.85 2.29
CA SER A 158 21.95 32.92 1.83
C SER A 158 21.10 33.42 3.00
N LYS A 159 20.77 34.70 2.96
CA LYS A 159 20.13 35.34 4.09
C LYS A 159 18.68 34.89 4.28
N PHE A 160 18.07 34.33 3.24
CA PHE A 160 16.70 33.85 3.38
C PHE A 160 16.66 32.38 3.77
N LEU A 161 17.84 31.80 4.01
CA LEU A 161 17.92 30.44 4.51
C LEU A 161 18.60 30.46 5.88
N ARG A 162 18.18 29.50 6.70
CA ARG A 162 18.67 29.31 8.06
C ARG A 162 19.18 27.89 8.39
N TRP A 163 20.47 27.75 8.64
CA TRP A 163 21.02 26.43 8.96
C TRP A 163 20.65 25.97 10.38
N THR A 164 19.85 24.92 10.48
CA THR A 164 19.38 24.46 11.81
C THR A 164 19.79 23.00 12.15
N GLY A 165 20.53 22.34 11.26
CA GLY A 165 20.99 21.01 11.56
C GLY A 165 21.97 20.44 10.58
N ILE A 166 22.68 19.39 11.02
CA ILE A 166 23.57 18.69 10.12
C ILE A 166 23.56 17.24 10.53
N PHE A 167 23.48 16.35 9.55
CA PHE A 167 23.32 14.95 9.83
C PHE A 167 23.98 14.02 8.83
N THR A 168 24.14 12.79 9.28
CA THR A 168 24.44 11.67 8.42
C THR A 168 23.64 10.46 8.81
N HIS A 169 23.69 9.47 7.95
CA HIS A 169 23.00 8.22 8.05
C HIS A 169 23.93 6.96 7.95
N PHE A 170 23.79 6.13 8.94
CA PHE A 170 24.46 4.82 9.15
C PHE A 170 23.77 3.78 8.29
N SER A 171 24.55 3.03 7.50
CA SER A 171 23.95 2.01 6.62
C SER A 171 23.95 0.56 7.18
N THR A 172 24.80 0.30 8.19
CA THR A 172 24.93 -1.04 8.77
C THR A 172 25.04 -1.07 10.31
N ALA A 173 24.44 -0.11 11.01
CA ALA A 173 24.52 -0.02 12.46
C ALA A 173 23.70 -1.12 13.18
N ASP A 174 22.86 -1.82 12.42
CA ASP A 174 22.09 -2.91 12.99
C ASP A 174 22.76 -4.25 12.75
N GLU A 175 24.03 -4.24 12.33
CA GLU A 175 24.74 -5.50 12.01
C GLU A 175 25.83 -5.85 13.01
N PRO A 176 26.15 -7.16 13.18
CA PRO A 176 27.15 -7.59 14.16
C PRO A 176 28.54 -7.03 13.89
N ASP A 177 28.97 -6.96 12.63
CA ASP A 177 30.25 -6.35 12.28
C ASP A 177 30.09 -4.82 12.28
N THR A 178 30.67 -4.16 13.27
CA THR A 178 30.53 -2.71 13.47
C THR A 178 31.57 -1.86 12.73
N THR A 179 32.44 -2.52 11.97
CA THR A 179 33.54 -1.83 11.28
C THR A 179 33.09 -0.64 10.42
N LEU A 180 32.11 -0.83 9.52
CA LEU A 180 31.64 0.29 8.68
C LEU A 180 30.98 1.39 9.49
N THR A 181 30.22 1.01 10.50
CA THR A 181 29.57 2.01 11.34
C THR A 181 30.61 2.90 12.06
N LYS A 182 31.68 2.29 12.54
CA LYS A 182 32.72 3.06 13.23
C LYS A 182 33.45 3.95 12.27
N LEU A 183 33.65 3.48 11.03
CA LEU A 183 34.25 4.32 10.00
C LEU A 183 33.33 5.47 9.60
N GLN A 184 32.02 5.22 9.47
CA GLN A 184 31.08 6.32 9.21
C GLN A 184 31.12 7.39 10.32
N HIS A 185 31.06 6.94 11.56
CA HIS A 185 31.11 7.86 12.69
C HIS A 185 32.40 8.69 12.67
N GLU A 186 33.52 8.02 12.50
CA GLU A 186 34.81 8.70 12.43
C GLU A 186 34.85 9.75 11.31
N LYS A 187 34.27 9.43 10.15
CA LYS A 187 34.28 10.32 9.01
C LYS A 187 33.40 11.54 9.28
N PHE A 188 32.22 11.28 9.84
CA PHE A 188 31.32 12.37 10.19
C PHE A 188 31.99 13.31 11.18
N ILE A 189 32.64 12.77 12.21
CA ILE A 189 33.28 13.62 13.22
C ILE A 189 34.40 14.47 12.60
N SER A 190 35.18 13.84 11.74
CA SER A 190 36.27 14.49 11.04
C SER A 190 35.78 15.65 10.16
N PHE A 191 34.67 15.47 9.42
CA PHE A 191 34.12 16.59 8.64
C PHE A 191 33.67 17.73 9.56
N LEU A 192 33.04 17.39 10.67
CA LEU A 192 32.52 18.41 11.58
C LEU A 192 33.67 19.15 12.24
N SER A 193 34.74 18.43 12.60
CA SER A 193 35.86 19.11 13.25
C SER A 193 36.55 20.01 12.21
N PHE A 194 36.58 19.56 10.96
CA PHE A 194 37.07 20.40 9.85
C PHE A 194 36.31 21.74 9.75
N LEU A 195 34.99 21.70 9.86
CA LEU A 195 34.21 22.93 9.84
C LEU A 195 34.54 23.82 11.02
N LYS A 196 34.68 23.22 12.19
CA LYS A 196 34.94 23.97 13.41
C LYS A 196 36.29 24.66 13.29
N LYS A 197 37.26 23.97 12.68
CA LYS A 197 38.57 24.57 12.45
C LYS A 197 38.51 25.79 11.53
N GLN A 198 37.49 25.86 10.67
CA GLN A 198 37.27 27.05 9.84
C GLN A 198 36.63 28.20 10.60
N GLY A 199 36.29 27.95 11.86
CA GLY A 199 35.66 28.93 12.72
C GLY A 199 34.15 28.81 12.72
N ILE A 200 33.62 27.75 12.10
CA ILE A 200 32.15 27.57 11.97
C ILE A 200 31.54 26.94 13.21
N GLU A 201 30.46 27.56 13.69
CA GLU A 201 29.71 27.03 14.81
C GLU A 201 28.65 26.07 14.25
N LEU A 202 28.51 24.92 14.88
CA LEU A 202 27.61 23.88 14.36
C LEU A 202 26.20 24.01 14.89
N PRO A 203 25.20 23.80 14.02
CA PRO A 203 23.85 23.69 14.56
C PRO A 203 23.64 22.32 15.18
N THR A 204 22.39 21.91 15.34
CA THR A 204 22.00 20.58 15.84
C THR A 204 22.65 19.42 15.06
N VAL A 205 23.46 18.61 15.73
CA VAL A 205 24.06 17.44 15.09
C VAL A 205 23.25 16.17 15.39
N HIS A 206 22.85 15.45 14.33
CA HIS A 206 22.22 14.14 14.54
C HIS A 206 22.69 13.06 13.57
N MET A 207 22.82 11.85 14.07
CA MET A 207 23.30 10.78 13.22
C MET A 207 22.65 9.45 13.52
N CYS A 208 22.17 9.20 14.69
CA CYS A 208 21.61 7.94 15.02
C CYS A 208 20.17 7.63 14.61
N ASN A 209 20.02 6.44 14.09
CA ASN A 209 18.79 5.82 13.82
C ASN A 209 18.49 5.00 15.08
N THR A 210 17.44 4.22 15.05
CA THR A 210 17.09 3.36 16.13
C THR A 210 18.29 2.41 16.47
N ALA A 211 18.87 1.76 15.49
CA ALA A 211 19.96 0.77 15.72
C ALA A 211 21.12 1.39 16.48
N ALA A 212 21.64 2.52 15.97
CA ALA A 212 22.79 3.16 16.59
C ALA A 212 22.44 3.80 17.93
N ALA A 213 21.21 4.29 18.10
CA ALA A 213 20.80 4.82 19.39
C ALA A 213 20.91 3.73 20.45
N ILE A 214 20.55 2.51 20.07
CA ILE A 214 20.60 1.37 21.00
C ILE A 214 22.03 0.83 21.17
N ALA A 215 22.74 0.60 20.08
CA ALA A 215 24.04 -0.06 20.16
C ALA A 215 25.18 0.94 20.41
N PHE A 216 24.97 2.23 20.09
CA PHE A 216 25.98 3.27 20.22
C PHE A 216 25.38 4.57 20.79
N PRO A 217 24.74 4.49 21.96
CA PRO A 217 24.11 5.67 22.55
C PRO A 217 25.08 6.86 22.69
N GLU A 218 26.37 6.56 22.76
CA GLU A 218 27.39 7.59 22.84
C GLU A 218 27.49 8.42 21.55
N PHE A 219 26.81 7.99 20.47
CA PHE A 219 26.81 8.73 19.21
C PHE A 219 25.61 9.69 19.11
N SER A 220 24.83 9.81 20.18
CA SER A 220 23.52 10.48 20.10
C SER A 220 23.63 11.98 19.84
N ALA A 221 24.79 12.54 20.18
CA ALA A 221 25.11 13.91 19.89
C ALA A 221 23.95 14.81 20.37
N ASP A 222 23.51 15.77 19.57
CA ASP A 222 22.41 16.67 19.99
C ASP A 222 21.03 16.01 19.86
N MET A 223 20.91 15.04 18.98
CA MET A 223 19.61 14.51 18.65
C MET A 223 19.73 13.14 17.90
N ILE A 224 18.80 12.25 18.16
CA ILE A 224 18.70 11.00 17.44
C ILE A 224 17.41 11.02 16.60
N ARG A 225 17.33 10.12 15.63
CA ARG A 225 16.14 9.97 14.82
C ARG A 225 15.54 8.62 15.13
N LEU A 226 14.47 8.64 15.92
CA LEU A 226 13.80 7.43 16.33
C LEU A 226 12.66 7.03 15.38
N GLY A 227 12.92 5.95 14.63
CA GLY A 227 11.97 5.38 13.71
C GLY A 227 11.33 4.11 14.20
N ILE A 228 11.84 3.00 13.71
CA ILE A 228 11.24 1.68 13.91
C ILE A 228 10.98 1.41 15.39
N GLY A 229 11.92 1.85 16.23
CA GLY A 229 11.82 1.63 17.66
C GLY A 229 10.62 2.33 18.31
N LEU A 230 10.22 3.47 17.76
CA LEU A 230 9.03 4.18 18.26
C LEU A 230 7.78 3.30 18.24
N TYR A 231 7.69 2.50 17.16
CA TYR A 231 6.59 1.59 16.93
C TYR A 231 6.78 0.25 17.68
N GLY A 232 7.84 0.16 18.47
CA GLY A 232 8.08 -1.02 19.27
C GLY A 232 8.65 -2.17 18.46
N LEU A 233 9.36 -1.86 17.38
CA LEU A 233 9.94 -2.88 16.53
C LEU A 233 11.44 -2.62 16.46
N TYR A 234 12.19 -3.72 16.45
CA TYR A 234 13.66 -3.64 16.40
C TYR A 234 14.17 -3.56 14.98
N PRO A 235 15.25 -2.81 14.76
CA PRO A 235 15.80 -2.71 13.41
C PRO A 235 16.45 -4.01 12.89
N SER A 236 16.79 -4.94 13.76
CA SER A 236 17.35 -6.23 13.35
C SER A 236 17.30 -7.19 14.54
N ALA A 237 17.30 -8.48 14.26
CA ALA A 237 17.32 -9.49 15.30
C ALA A 237 18.55 -9.29 16.19
N TYR A 238 19.67 -8.93 15.56
CA TYR A 238 20.94 -8.76 16.28
C TYR A 238 20.77 -7.68 17.35
N ILE A 239 20.19 -6.55 16.98
CA ILE A 239 19.97 -5.47 17.91
C ILE A 239 18.98 -5.90 19.01
N LYS A 240 17.94 -6.62 18.63
CA LYS A 240 17.00 -7.10 19.64
C LYS A 240 17.71 -8.01 20.65
N GLN A 241 18.56 -8.88 20.12
CA GLN A 241 19.20 -9.91 20.95
C GLN A 241 20.31 -9.30 21.84
N LEU A 242 20.64 -8.02 21.64
CA LEU A 242 21.61 -7.32 22.50
C LEU A 242 20.98 -7.15 23.88
N ASN A 243 19.65 -7.16 23.94
CA ASN A 243 18.87 -7.02 25.20
C ASN A 243 19.20 -5.72 25.95
N LEU A 244 19.28 -4.59 25.25
CA LEU A 244 19.64 -3.31 25.91
C LEU A 244 18.41 -2.42 26.19
N VAL A 245 17.35 -2.55 25.40
CA VAL A 245 16.16 -1.76 25.52
C VAL A 245 14.95 -2.65 25.27
N LYS A 246 13.94 -2.48 26.13
CA LYS A 246 12.71 -3.25 26.05
C LYS A 246 11.67 -2.43 25.28
N LEU A 247 11.28 -2.92 24.09
CA LEU A 247 10.30 -2.24 23.24
C LEU A 247 9.03 -3.08 23.15
N GLU A 248 7.89 -2.43 23.02
CA GLU A 248 6.60 -3.10 22.97
C GLU A 248 5.91 -2.81 21.61
N PRO A 249 5.50 -3.82 20.82
CA PRO A 249 4.94 -3.53 19.49
C PRO A 249 3.64 -2.75 19.59
N ALA A 250 3.55 -1.64 18.88
CA ALA A 250 2.35 -0.81 19.00
C ALA A 250 1.16 -1.28 18.12
N LEU A 251 1.43 -1.94 16.99
CA LEU A 251 0.42 -2.27 16.00
C LEU A 251 -0.11 -3.71 16.05
N SER A 252 -1.42 -3.81 15.93
CA SER A 252 -2.05 -5.07 15.64
C SER A 252 -3.01 -4.86 14.48
N LEU A 253 -3.25 -5.94 13.73
CA LEU A 253 -4.14 -5.95 12.58
C LEU A 253 -5.17 -7.06 12.78
N LYS A 254 -6.43 -6.70 12.72
CA LYS A 254 -7.52 -7.58 13.08
C LYS A 254 -8.64 -7.58 12.04
N ALA A 255 -9.46 -8.62 12.12
CA ALA A 255 -10.67 -8.69 11.33
C ALA A 255 -11.74 -9.47 12.06
N ARG A 256 -12.96 -9.44 11.52
CA ARG A 256 -13.97 -10.37 11.95
C ARG A 256 -14.36 -11.33 10.86
N ILE A 257 -14.66 -12.56 11.27
CA ILE A 257 -15.03 -13.60 10.31
C ILE A 257 -16.29 -13.19 9.58
N ALA A 258 -16.22 -13.20 8.26
CA ALA A 258 -17.31 -12.77 7.39
C ALA A 258 -18.33 -13.90 7.13
N TYR A 259 -17.81 -15.13 7.04
CA TYR A 259 -18.62 -16.32 6.80
C TYR A 259 -17.85 -17.57 7.24
N VAL A 260 -18.59 -18.56 7.74
CA VAL A 260 -18.06 -19.84 8.16
C VAL A 260 -18.90 -20.90 7.50
N LYS A 261 -18.26 -21.93 6.97
CA LYS A 261 -19.02 -23.00 6.34
C LYS A 261 -18.26 -24.33 6.42
N THR A 262 -19.02 -25.40 6.37
CA THR A 262 -18.46 -26.74 6.27
C THR A 262 -18.54 -27.21 4.80
N MET A 263 -17.44 -27.78 4.31
CA MET A 263 -17.31 -28.07 2.88
C MET A 263 -17.92 -29.41 2.52
N ARG A 264 -19.21 -29.53 2.81
CA ARG A 264 -19.96 -30.78 2.60
C ARG A 264 -20.08 -31.27 1.17
N THR A 265 -20.25 -30.34 0.26
CA THR A 265 -20.53 -30.72 -1.09
C THR A 265 -19.39 -30.41 -2.08
N GLU A 266 -19.40 -31.01 -3.28
CA GLU A 266 -18.30 -30.88 -4.28
C GLU A 266 -18.61 -29.68 -5.22
N PRO A 267 -17.66 -29.02 -5.86
CA PRO A 267 -16.22 -29.12 -5.65
C PRO A 267 -15.83 -28.49 -4.25
N ARG A 268 -14.76 -28.96 -3.58
CA ARG A 268 -14.28 -28.44 -2.27
C ARG A 268 -13.06 -27.61 -2.53
N THR A 269 -13.01 -27.09 -3.73
CA THR A 269 -11.92 -26.26 -4.13
C THR A 269 -11.96 -24.92 -3.38
N VAL A 270 -10.79 -24.41 -2.99
CA VAL A 270 -10.71 -23.11 -2.31
C VAL A 270 -9.79 -22.10 -3.01
N SER A 271 -10.44 -21.01 -3.41
CA SER A 271 -9.82 -19.79 -3.90
C SER A 271 -9.20 -20.00 -5.28
N TYR A 272 -8.65 -18.94 -5.86
CA TYR A 272 -8.11 -19.02 -7.24
C TYR A 272 -7.09 -20.12 -7.42
N GLY A 273 -7.12 -20.72 -8.62
CA GLY A 273 -6.24 -21.81 -8.97
C GLY A 273 -6.65 -23.15 -8.39
N ALA A 274 -7.66 -23.14 -7.52
CA ALA A 274 -8.09 -24.36 -6.83
C ALA A 274 -6.87 -25.04 -6.21
N THR A 275 -5.95 -24.27 -5.64
CA THR A 275 -4.69 -24.83 -5.12
C THR A 275 -4.87 -25.57 -3.80
N TYR A 276 -6.09 -25.53 -3.25
CA TYR A 276 -6.41 -26.17 -1.98
C TYR A 276 -7.77 -26.89 -2.04
N ILE A 277 -7.83 -28.15 -1.60
CA ILE A 277 -9.08 -28.90 -1.60
C ILE A 277 -9.42 -29.30 -0.19
N ALA A 278 -10.58 -28.86 0.27
CA ALA A 278 -11.02 -29.12 1.65
C ALA A 278 -11.58 -30.52 1.83
N GLU A 279 -11.51 -31.03 3.05
CA GLU A 279 -12.16 -32.30 3.42
C GLU A 279 -13.65 -31.99 3.56
N PRO A 280 -14.51 -33.03 3.45
CA PRO A 280 -15.97 -32.89 3.56
C PRO A 280 -16.44 -32.33 4.88
N ASN A 281 -15.63 -32.52 5.90
CA ASN A 281 -15.92 -32.09 7.25
C ASN A 281 -15.09 -30.87 7.69
N GLU A 282 -14.30 -30.33 6.77
CA GLU A 282 -13.43 -29.21 7.10
C GLU A 282 -14.21 -27.89 7.07
N VAL A 283 -13.89 -27.04 8.04
CA VAL A 283 -14.54 -25.74 8.18
C VAL A 283 -13.64 -24.65 7.60
N ILE A 284 -14.20 -23.85 6.69
CA ILE A 284 -13.48 -22.76 6.07
C ILE A 284 -14.10 -21.43 6.50
N ALA A 285 -13.23 -20.54 6.98
CA ALA A 285 -13.64 -19.21 7.42
C ALA A 285 -13.11 -18.17 6.42
N THR A 286 -13.98 -17.26 5.99
CA THR A 286 -13.59 -16.19 5.05
C THR A 286 -13.41 -14.86 5.79
N LEU A 287 -12.31 -14.18 5.51
CA LEU A 287 -11.91 -12.99 6.25
C LEU A 287 -11.72 -11.84 5.28
N PRO A 288 -12.14 -10.63 5.67
CA PRO A 288 -12.12 -9.47 4.77
C PRO A 288 -10.79 -8.72 4.77
N ILE A 289 -9.72 -9.44 4.44
CA ILE A 289 -8.44 -8.83 4.11
C ILE A 289 -7.83 -9.55 2.92
N GLY A 290 -7.11 -8.80 2.08
CA GLY A 290 -6.45 -9.38 0.92
C GLY A 290 -5.20 -8.62 0.54
N TYR A 291 -4.61 -8.96 -0.60
CA TYR A 291 -3.32 -8.36 -0.92
C TYR A 291 -3.42 -6.85 -1.22
N ALA A 292 -4.58 -6.32 -1.60
CA ALA A 292 -4.69 -4.86 -1.82
C ALA A 292 -4.70 -4.13 -0.48
N ASP A 293 -4.88 -4.85 0.63
CA ASP A 293 -4.68 -4.23 1.93
C ASP A 293 -3.21 -4.22 2.37
N GLY A 294 -2.34 -4.97 1.68
CA GLY A 294 -0.95 -5.11 2.07
C GLY A 294 -0.64 -6.46 2.68
N TYR A 295 -1.64 -7.34 2.70
CA TYR A 295 -1.45 -8.72 3.13
C TYR A 295 -0.90 -9.53 1.99
N SER A 296 0.41 -9.77 2.01
CA SER A 296 1.12 -10.29 0.83
C SER A 296 0.51 -11.53 0.24
N ARG A 297 0.35 -11.52 -1.08
CA ARG A 297 -0.13 -12.70 -1.82
C ARG A 297 0.80 -13.90 -1.61
N ALA A 298 2.06 -13.64 -1.25
CA ALA A 298 3.02 -14.71 -1.02
C ALA A 298 2.71 -15.48 0.27
N LEU A 299 1.76 -14.98 1.05
CA LEU A 299 1.23 -15.76 2.17
C LEU A 299 0.15 -16.79 1.77
N SER A 300 -0.07 -16.89 0.47
CA SER A 300 -1.04 -17.88 -0.05
C SER A 300 -0.49 -19.26 0.44
N ASN A 301 -1.30 -20.14 1.03
CA ASN A 301 -0.87 -21.47 1.48
C ASN A 301 0.31 -21.45 2.45
N ARG A 302 0.64 -20.28 2.99
CA ARG A 302 1.74 -20.17 3.94
C ARG A 302 1.38 -19.42 5.24
N GLY A 303 0.56 -18.38 5.14
CA GLY A 303 0.23 -17.58 6.31
C GLY A 303 -0.63 -18.24 7.39
N PHE A 304 -0.67 -17.59 8.55
CA PHE A 304 -1.43 -17.98 9.73
C PHE A 304 -2.18 -16.76 10.33
N VAL A 305 -3.34 -16.98 10.91
CA VAL A 305 -4.01 -15.94 11.71
C VAL A 305 -4.38 -16.58 13.03
N LEU A 306 -4.74 -15.76 14.00
CA LEU A 306 -5.13 -16.27 15.31
C LEU A 306 -6.63 -16.23 15.46
N HIS A 307 -7.18 -17.36 15.87
CA HIS A 307 -8.60 -17.47 16.15
C HIS A 307 -8.73 -18.32 17.41
N ARG A 308 -9.39 -17.74 18.41
CA ARG A 308 -9.61 -18.36 19.72
C ARG A 308 -8.28 -18.83 20.32
N GLY A 309 -7.25 -18.00 20.17
CA GLY A 309 -5.96 -18.28 20.76
C GLY A 309 -5.12 -19.27 19.99
N LYS A 310 -5.55 -19.71 18.81
CA LYS A 310 -4.73 -20.67 18.08
C LYS A 310 -4.47 -20.26 16.65
N ARG A 311 -3.32 -20.72 16.16
CA ARG A 311 -2.89 -20.46 14.82
C ARG A 311 -3.72 -21.25 13.82
N VAL A 312 -4.35 -20.57 12.87
CA VAL A 312 -5.06 -21.29 11.80
C VAL A 312 -4.53 -20.85 10.46
N PRO A 313 -4.36 -21.80 9.52
CA PRO A 313 -3.67 -21.51 8.27
C PRO A 313 -4.49 -20.88 7.19
N VAL A 314 -3.86 -20.01 6.41
CA VAL A 314 -4.42 -19.59 5.15
C VAL A 314 -4.56 -20.80 4.25
N ALA A 315 -5.76 -20.94 3.68
CA ALA A 315 -6.08 -22.05 2.77
C ALA A 315 -6.27 -21.52 1.35
N GLY A 316 -5.43 -21.97 0.42
CA GLY A 316 -5.50 -21.52 -0.95
C GLY A 316 -4.91 -20.13 -1.17
N ARG A 317 -5.17 -19.52 -2.31
CA ARG A 317 -4.56 -18.20 -2.53
C ARG A 317 -5.23 -17.03 -1.83
N VAL A 318 -4.36 -16.13 -1.53
CA VAL A 318 -4.80 -14.81 -1.05
C VAL A 318 -5.45 -14.10 -2.23
N THR A 319 -6.63 -13.49 -2.04
CA THR A 319 -7.23 -12.73 -3.13
C THR A 319 -7.12 -11.23 -2.82
N MET A 320 -7.70 -10.38 -3.67
CA MET A 320 -7.43 -8.96 -3.55
C MET A 320 -8.00 -8.39 -2.24
N ASP A 321 -9.19 -8.86 -1.85
CA ASP A 321 -9.92 -8.31 -0.68
C ASP A 321 -10.27 -9.33 0.40
N MET A 322 -9.92 -10.59 0.18
CA MET A 322 -10.32 -11.65 1.09
C MET A 322 -9.30 -12.79 1.16
N ILE A 323 -9.28 -13.48 2.28
CA ILE A 323 -8.52 -14.70 2.41
C ILE A 323 -9.46 -15.72 3.02
N MET A 324 -9.11 -16.96 2.86
CA MET A 324 -9.85 -18.03 3.52
C MET A 324 -8.88 -18.80 4.43
N VAL A 325 -9.33 -19.17 5.63
CA VAL A 325 -8.50 -19.94 6.55
C VAL A 325 -9.25 -21.19 6.99
N SER A 326 -8.51 -22.25 7.32
CA SER A 326 -9.14 -23.48 7.78
C SER A 326 -9.18 -23.56 9.29
N LEU A 327 -10.38 -23.71 9.82
CA LEU A 327 -10.59 -23.97 11.23
C LEU A 327 -10.49 -25.49 11.50
N GLY A 328 -10.04 -26.23 10.48
CA GLY A 328 -9.89 -27.69 10.58
C GLY A 328 -11.13 -28.42 10.10
N GLU A 329 -11.20 -29.74 10.34
CA GLU A 329 -12.38 -30.54 9.94
C GLU A 329 -13.65 -29.86 10.46
N ASN A 330 -13.68 -29.56 11.76
CA ASN A 330 -14.83 -28.88 12.41
C ASN A 330 -14.47 -27.40 12.59
N GLY A 331 -13.28 -27.14 13.15
CA GLY A 331 -12.78 -25.77 13.39
C GLY A 331 -13.85 -24.87 14.01
N GLU A 332 -14.28 -25.18 15.23
CA GLU A 332 -15.33 -24.37 15.92
C GLU A 332 -15.09 -22.91 15.54
N GLY A 333 -16.17 -22.24 15.20
CA GLY A 333 -16.08 -20.86 14.74
C GLY A 333 -17.37 -20.22 14.25
N LYS A 334 -17.56 -18.95 14.50
CA LYS A 334 -18.80 -18.28 14.08
C LYS A 334 -18.51 -16.97 13.34
N GLN A 335 -19.34 -16.69 12.35
CA GLN A 335 -19.43 -15.37 11.74
C GLN A 335 -19.40 -14.33 12.85
N GLY A 336 -18.55 -13.32 12.69
CA GLY A 336 -18.41 -12.28 13.67
C GLY A 336 -17.29 -12.51 14.68
N ASP A 337 -16.75 -13.71 14.78
CA ASP A 337 -15.60 -13.94 15.63
C ASP A 337 -14.42 -13.06 15.27
N GLU A 338 -13.72 -12.56 16.29
CA GLU A 338 -12.53 -11.73 16.08
C GLU A 338 -11.29 -12.57 15.80
N VAL A 339 -10.56 -12.19 14.78
CA VAL A 339 -9.30 -12.84 14.50
C VAL A 339 -8.19 -11.82 14.49
N VAL A 340 -7.03 -12.23 14.87
CA VAL A 340 -5.86 -11.35 14.88
C VAL A 340 -4.90 -11.77 13.76
N ILE A 341 -4.58 -10.84 12.84
CA ILE A 341 -3.77 -11.15 11.67
C ILE A 341 -2.30 -10.87 11.97
N TYR A 342 -2.03 -9.71 12.56
CA TYR A 342 -0.74 -9.39 13.13
C TYR A 342 -1.00 -9.07 14.58
N GLY A 343 -0.32 -9.75 15.50
CA GLY A 343 -0.40 -9.40 16.90
C GLY A 343 -0.64 -10.55 17.86
N LYS A 344 -1.26 -10.24 19.01
CA LYS A 344 -1.44 -11.17 20.12
C LYS A 344 -2.90 -11.48 20.32
N GLN A 345 -3.19 -12.68 20.76
CA GLN A 345 -4.54 -13.10 21.08
C GLN A 345 -4.40 -14.24 22.07
N LYS A 346 -5.00 -14.07 23.25
CA LYS A 346 -4.75 -14.98 24.37
C LYS A 346 -3.24 -15.14 24.58
N GLY A 347 -2.74 -16.36 24.56
CA GLY A 347 -1.33 -16.59 24.77
C GLY A 347 -0.57 -16.58 23.48
N ALA A 348 -1.30 -16.43 22.38
CA ALA A 348 -0.74 -16.70 21.06
C ALA A 348 -0.30 -15.39 20.42
N GLU A 349 0.62 -15.45 19.46
CA GLU A 349 1.09 -14.25 18.80
C GLU A 349 1.61 -14.52 17.41
N ILE A 350 1.21 -13.67 16.47
CA ILE A 350 1.84 -13.62 15.15
C ILE A 350 2.40 -12.24 14.96
N SER A 351 3.69 -12.10 15.22
CA SER A 351 4.33 -10.80 15.18
C SER A 351 4.65 -10.40 13.76
N VAL A 352 4.78 -9.11 13.59
CA VAL A 352 5.17 -8.55 12.32
C VAL A 352 6.54 -9.06 11.91
N ASP A 353 7.43 -9.29 12.88
CA ASP A 353 8.76 -9.86 12.57
C ASP A 353 8.68 -11.29 11.96
N GLU A 354 7.76 -12.08 12.44
CA GLU A 354 7.61 -13.44 11.96
C GLU A 354 7.05 -13.45 10.53
N VAL A 355 6.14 -12.52 10.27
CA VAL A 355 5.57 -12.37 8.94
C VAL A 355 6.70 -11.94 8.01
N ALA A 356 7.51 -10.99 8.44
CA ALA A 356 8.61 -10.51 7.60
C ALA A 356 9.64 -11.63 7.26
N GLU A 357 9.96 -12.49 8.24
CA GLU A 357 10.87 -13.61 8.02
C GLU A 357 10.36 -14.56 6.94
N MET A 358 9.12 -14.97 7.11
CA MET A 358 8.43 -15.80 6.12
C MET A 358 8.55 -15.23 4.69
N LEU A 359 8.44 -13.92 4.56
CA LEU A 359 8.42 -13.23 3.26
C LEU A 359 9.81 -12.75 2.83
N ASN A 360 10.85 -13.17 3.56
CA ASN A 360 12.23 -12.72 3.31
C ASN A 360 12.33 -11.21 3.24
N THR A 361 11.69 -10.52 4.17
CA THR A 361 11.80 -9.08 4.17
C THR A 361 12.01 -8.60 5.59
N ILE A 362 11.66 -7.34 5.88
CA ILE A 362 11.92 -6.76 7.19
C ILE A 362 10.64 -6.15 7.74
N ASN A 363 10.57 -6.04 9.07
CA ASN A 363 9.35 -5.57 9.71
C ASN A 363 8.98 -4.19 9.17
N TYR A 364 9.96 -3.35 8.86
CA TYR A 364 9.69 -2.03 8.27
C TYR A 364 8.71 -2.13 7.07
N GLU A 365 8.92 -3.10 6.19
CA GLU A 365 8.11 -3.15 4.99
C GLU A 365 6.71 -3.63 5.35
N VAL A 366 6.64 -4.62 6.22
CA VAL A 366 5.36 -5.20 6.55
C VAL A 366 4.38 -4.13 7.08
N VAL A 367 4.84 -3.26 7.98
CA VAL A 367 3.90 -2.30 8.55
C VAL A 367 3.70 -1.10 7.61
N SER A 368 4.75 -0.65 6.92
CA SER A 368 4.63 0.59 6.12
C SER A 368 3.85 0.39 4.81
N THR A 369 3.54 -0.87 4.46
CA THR A 369 2.74 -1.16 3.28
C THR A 369 1.26 -1.48 3.64
N LEU A 370 0.85 -1.24 4.87
CA LEU A 370 -0.56 -1.41 5.20
C LEU A 370 -1.40 -0.28 4.59
N SER A 371 -2.36 -0.66 3.77
CA SER A 371 -3.13 0.26 2.96
C SER A 371 -3.91 1.24 3.80
N ARG A 372 -4.06 2.40 3.21
CA ARG A 372 -4.81 3.47 3.85
C ARG A 372 -6.35 3.11 3.91
N ARG A 373 -6.84 2.12 3.15
CA ARG A 373 -8.26 1.75 3.25
C ARG A 373 -8.58 0.92 4.50
N ILE A 374 -7.57 0.48 5.23
CA ILE A 374 -7.81 -0.12 6.56
C ILE A 374 -7.92 1.02 7.59
N PRO A 375 -9.06 1.11 8.30
CA PRO A 375 -9.17 2.17 9.31
C PRO A 375 -8.30 1.88 10.52
N ARG A 376 -7.67 2.92 11.07
CA ARG A 376 -6.82 2.80 12.25
C ARG A 376 -7.51 3.31 13.49
N PHE A 377 -7.53 2.50 14.53
CA PHE A 377 -8.00 2.89 15.86
C PHE A 377 -6.84 2.99 16.83
N TYR A 378 -6.93 3.94 17.74
CA TYR A 378 -5.85 4.25 18.68
C TYR A 378 -6.25 3.98 20.14
N ILE A 379 -5.33 3.37 20.88
CA ILE A 379 -5.51 3.08 22.28
C ILE A 379 -4.59 3.97 23.08
N ARG A 380 -5.18 4.68 24.02
CA ARG A 380 -4.46 5.59 24.89
C ARG A 380 -5.08 5.53 26.27
N ASP A 381 -4.23 5.34 27.28
CA ASP A 381 -4.70 5.12 28.65
C ASP A 381 -5.75 3.99 28.65
N GLY A 382 -5.40 2.88 28.03
CA GLY A 382 -6.28 1.75 27.97
C GLY A 382 -7.69 1.86 27.28
N GLU A 383 -8.07 3.03 26.70
CA GLU A 383 -9.34 3.28 25.97
C GLU A 383 -9.06 3.44 24.44
N ILE A 384 -10.08 3.22 23.66
CA ILE A 384 -9.93 3.25 22.22
C ILE A 384 -10.50 4.55 21.56
N PHE A 385 -9.86 5.15 20.53
CA PHE A 385 -10.41 6.28 19.75
C PHE A 385 -9.90 6.44 18.30
N LYS A 386 -10.69 7.21 17.57
CA LYS A 386 -10.41 7.69 16.21
C LYS A 386 -10.61 6.83 14.97
N MET B 1 4.81 21.63 -17.33
CA MET B 1 5.02 20.24 -16.91
C MET B 1 4.65 20.06 -15.43
N ILE B 2 4.68 18.84 -14.95
CA ILE B 2 4.29 18.44 -13.61
C ILE B 2 5.21 19.11 -12.56
N LYS B 3 4.60 19.67 -11.50
CA LYS B 3 5.33 20.29 -10.37
C LYS B 3 4.99 19.58 -9.04
N LEU B 4 5.97 18.89 -8.48
CA LEU B 4 5.79 18.11 -7.26
C LEU B 4 6.96 18.45 -6.33
N CYS B 5 6.74 18.30 -5.03
CA CYS B 5 7.83 18.45 -4.05
C CYS B 5 8.67 17.16 -4.07
N ARG B 6 7.98 16.05 -3.94
CA ARG B 6 8.55 14.73 -4.10
C ARG B 6 8.14 14.22 -5.47
N GLU B 7 9.14 14.04 -6.33
CA GLU B 7 8.89 13.87 -7.74
C GLU B 7 8.71 12.43 -8.16
N VAL B 8 7.63 11.83 -7.67
CA VAL B 8 7.22 10.48 -8.07
C VAL B 8 5.71 10.59 -8.37
N TRP B 9 5.26 9.96 -9.45
CA TRP B 9 3.86 10.02 -9.79
C TRP B 9 3.41 8.86 -10.66
N ILE B 10 2.09 8.72 -10.75
CA ILE B 10 1.45 7.77 -11.63
C ILE B 10 0.74 8.50 -12.76
N GLU B 11 0.82 7.98 -13.99
CA GLU B 11 -0.01 8.44 -15.11
C GLU B 11 -0.95 7.32 -15.54
N VAL B 12 -2.25 7.64 -15.56
CA VAL B 12 -3.28 6.70 -15.99
C VAL B 12 -3.84 7.23 -17.28
N ASN B 13 -3.70 6.44 -18.33
CA ASN B 13 -4.12 6.85 -19.64
C ASN B 13 -5.56 6.39 -19.87
N LEU B 14 -6.49 7.33 -19.85
CA LEU B 14 -7.91 6.96 -19.93
C LEU B 14 -8.28 6.66 -21.40
N ASP B 15 -7.44 7.06 -22.34
CA ASP B 15 -7.65 6.68 -23.75
C ASP B 15 -7.47 5.16 -23.89
N ALA B 16 -6.46 4.63 -23.23
CA ALA B 16 -6.22 3.20 -23.21
C ALA B 16 -7.40 2.50 -22.54
N VAL B 17 -7.86 3.03 -21.39
CA VAL B 17 -9.03 2.45 -20.69
C VAL B 17 -10.24 2.38 -21.64
N LYS B 18 -10.49 3.45 -22.37
CA LYS B 18 -11.56 3.47 -23.37
C LYS B 18 -11.37 2.35 -24.40
N LYS B 19 -10.15 2.24 -24.95
CA LYS B 19 -9.83 1.21 -25.93
C LYS B 19 -9.98 -0.21 -25.38
N ASN B 20 -9.61 -0.41 -24.12
CA ASN B 20 -9.80 -1.69 -23.45
C ASN B 20 -11.28 -2.06 -23.29
N LEU B 21 -12.08 -1.13 -22.81
CA LEU B 21 -13.54 -1.37 -22.72
C LEU B 21 -14.18 -1.69 -24.07
N ARG B 22 -13.76 -0.96 -25.08
CA ARG B 22 -14.26 -1.15 -26.43
C ARG B 22 -13.88 -2.56 -26.96
N ALA B 23 -12.66 -3.02 -26.70
CA ALA B 23 -12.23 -4.35 -27.15
C ALA B 23 -13.05 -5.47 -26.46
N ILE B 24 -13.34 -5.32 -25.16
CA ILE B 24 -14.20 -6.31 -24.52
C ILE B 24 -15.65 -6.23 -25.03
N ARG B 25 -16.19 -5.01 -25.15
CA ARG B 25 -17.54 -4.83 -25.66
C ARG B 25 -17.70 -5.48 -27.04
N ARG B 26 -16.68 -5.30 -27.87
CA ARG B 26 -16.74 -5.81 -29.25
C ARG B 26 -16.60 -7.34 -29.30
N HIS B 27 -16.07 -7.94 -28.24
CA HIS B 27 -15.82 -9.38 -28.17
C HIS B 27 -17.02 -10.17 -27.60
N ILE B 28 -17.71 -9.59 -26.62
CA ILE B 28 -18.77 -10.28 -25.93
C ILE B 28 -20.08 -10.00 -26.67
N PRO B 29 -21.17 -10.75 -26.36
CA PRO B 29 -22.44 -10.56 -27.06
C PRO B 29 -22.95 -9.15 -26.88
N HIS B 30 -23.54 -8.61 -27.94
CA HIS B 30 -24.12 -7.28 -27.96
C HIS B 30 -25.06 -7.05 -26.79
N LYS B 31 -25.81 -8.03 -26.41
CA LYS B 31 -26.80 -7.76 -25.35
C LYS B 31 -26.19 -7.68 -23.90
N SER B 32 -24.98 -8.17 -23.73
CA SER B 32 -24.41 -8.25 -22.38
C SER B 32 -23.90 -6.87 -21.93
N LYS B 33 -24.24 -6.47 -20.73
CA LYS B 33 -23.76 -5.22 -20.18
C LYS B 33 -22.38 -5.44 -19.55
N ILE B 34 -21.69 -4.37 -19.26
CA ILE B 34 -20.41 -4.42 -18.58
C ILE B 34 -20.45 -3.72 -17.22
N MET B 35 -20.08 -4.48 -16.21
CA MET B 35 -19.85 -3.95 -14.87
C MET B 35 -18.35 -3.71 -14.70
N ALA B 36 -17.94 -2.45 -14.54
CA ALA B 36 -16.53 -2.14 -14.37
C ALA B 36 -16.14 -2.36 -12.92
N VAL B 37 -15.08 -3.15 -12.69
CA VAL B 37 -14.67 -3.48 -11.34
C VAL B 37 -13.60 -2.47 -10.91
N VAL B 38 -13.98 -1.56 -10.02
CA VAL B 38 -13.10 -0.49 -9.53
C VAL B 38 -12.81 -0.55 -8.02
N LYS B 39 -12.96 -2.09 -7.48
CA LYS B 39 -12.51 -1.99 -6.10
C LYS B 39 -10.99 -1.70 -5.84
N ALA B 40 -10.59 -1.53 -4.59
CA ALA B 40 -9.21 -1.27 -4.21
C ALA B 40 -8.64 -0.07 -4.97
N ASN B 41 -9.36 1.01 -4.86
CA ASN B 41 -8.99 2.28 -5.49
C ASN B 41 -8.77 2.10 -7.00
N GLY B 42 -9.68 1.40 -7.65
CA GLY B 42 -9.54 1.21 -9.10
C GLY B 42 -8.28 0.41 -9.41
N TYR B 43 -8.04 -0.66 -8.66
CA TYR B 43 -6.84 -1.50 -8.78
C TYR B 43 -5.62 -0.58 -8.71
N GLY B 44 -5.69 0.40 -7.80
CA GLY B 44 -4.64 1.35 -7.60
C GLY B 44 -4.51 2.44 -8.65
N HIS B 45 -4.98 2.72 -9.59
CA HIS B 45 -5.29 3.59 -10.70
C HIS B 45 -6.15 4.78 -10.27
N GLY B 46 -6.93 4.63 -9.20
CA GLY B 46 -7.89 5.67 -8.81
C GLY B 46 -9.33 5.33 -9.22
N SER B 47 -10.17 4.97 -8.24
CA SER B 47 -11.51 4.48 -8.56
C SER B 47 -12.40 5.51 -9.26
N ILE B 48 -12.35 6.77 -8.83
CA ILE B 48 -13.28 7.80 -9.32
C ILE B 48 -13.15 8.05 -10.80
N GLU B 49 -11.95 8.41 -11.19
CA GLU B 49 -11.73 8.78 -12.59
C GLU B 49 -11.81 7.55 -13.55
N VAL B 50 -11.45 6.35 -13.08
CA VAL B 50 -11.61 5.17 -13.93
C VAL B 50 -13.10 4.82 -14.08
N ALA B 51 -13.83 4.85 -12.97
CA ALA B 51 -15.28 4.63 -13.00
C ALA B 51 -16.02 5.62 -13.91
N ARG B 52 -15.74 6.91 -13.75
CA ARG B 52 -16.36 7.95 -14.58
C ARG B 52 -16.13 7.70 -16.05
N HIS B 53 -14.89 7.36 -16.39
CA HIS B 53 -14.55 7.18 -17.77
C HIS B 53 -15.22 5.91 -18.28
N ALA B 54 -15.22 4.84 -17.49
CA ALA B 54 -15.82 3.56 -17.95
C ALA B 54 -17.29 3.73 -18.30
N LEU B 55 -17.99 4.45 -17.44
CA LEU B 55 -19.44 4.66 -17.58
C LEU B 55 -19.77 5.54 -18.79
N GLU B 56 -18.82 6.37 -19.23
CA GLU B 56 -19.01 7.19 -20.44
C GLU B 56 -18.80 6.37 -21.70
N HIS B 57 -18.03 5.30 -21.59
CA HIS B 57 -17.57 4.58 -22.77
C HIS B 57 -17.88 3.08 -22.74
N GLY B 58 -19.02 2.70 -22.18
CA GLY B 58 -19.51 1.34 -22.33
C GLY B 58 -19.99 0.60 -21.11
N ALA B 59 -19.56 0.98 -19.92
CA ALA B 59 -19.96 0.21 -18.76
C ALA B 59 -21.32 0.76 -18.29
N SER B 60 -22.12 -0.09 -17.65
CA SER B 60 -23.43 0.30 -17.11
C SER B 60 -23.44 0.34 -15.59
N GLU B 61 -22.54 -0.44 -14.96
CA GLU B 61 -22.54 -0.60 -13.52
C GLU B 61 -21.11 -0.71 -13.01
N LEU B 62 -20.94 -0.59 -11.70
CA LEU B 62 -19.63 -0.65 -11.04
C LEU B 62 -19.63 -1.73 -9.95
N ALA B 63 -18.47 -2.30 -9.66
CA ALA B 63 -18.31 -3.17 -8.49
C ALA B 63 -17.18 -2.66 -7.63
N VAL B 64 -17.36 -2.80 -6.32
CA VAL B 64 -16.38 -2.38 -5.34
C VAL B 64 -16.22 -3.45 -4.24
N ALA B 65 -15.23 -3.27 -3.37
CA ALA B 65 -14.97 -4.21 -2.29
C ALA B 65 -15.80 -3.95 -1.02
N SER B 66 -16.27 -2.73 -0.83
CA SER B 66 -16.91 -2.33 0.43
C SER B 66 -17.89 -1.18 0.22
N VAL B 67 -18.79 -1.01 1.17
CA VAL B 67 -19.69 0.15 1.14
C VAL B 67 -18.87 1.43 1.11
N GLU B 68 -17.79 1.50 1.90
CA GLU B 68 -17.04 2.74 1.99
C GLU B 68 -16.53 3.12 0.55
N GLU B 69 -16.07 2.13 -0.22
CA GLU B 69 -15.62 2.36 -1.58
C GLU B 69 -16.77 2.84 -2.47
N GLY B 70 -17.98 2.33 -2.26
CA GLY B 70 -19.13 2.78 -3.04
C GLY B 70 -19.54 4.20 -2.71
N ILE B 71 -19.44 4.56 -1.43
CA ILE B 71 -19.79 5.92 -1.01
C ILE B 71 -18.82 6.96 -1.59
N VAL B 72 -17.53 6.64 -1.67
CA VAL B 72 -16.58 7.54 -2.34
C VAL B 72 -17.08 7.86 -3.75
N LEU B 73 -17.63 6.87 -4.47
CA LEU B 73 -18.07 7.06 -5.86
C LEU B 73 -19.36 7.90 -5.94
N ARG B 74 -20.31 7.64 -5.06
CA ARG B 74 -21.52 8.49 -4.96
C ARG B 74 -21.14 9.96 -4.72
N LYS B 75 -20.25 10.18 -3.76
CA LYS B 75 -19.81 11.52 -3.44
C LYS B 75 -19.12 12.17 -4.65
N ALA B 76 -18.59 11.37 -5.58
CA ALA B 76 -18.01 11.96 -6.80
C ALA B 76 -19.10 12.34 -7.80
N GLY B 77 -20.37 12.09 -7.46
CA GLY B 77 -21.47 12.48 -8.33
C GLY B 77 -21.96 11.33 -9.22
N ILE B 78 -21.50 10.12 -8.95
CA ILE B 78 -21.88 8.97 -9.77
C ILE B 78 -23.20 8.35 -9.37
N THR B 79 -24.06 8.10 -10.34
CA THR B 79 -25.42 7.60 -10.09
C THR B 79 -25.68 6.16 -10.53
N ALA B 80 -24.67 5.55 -11.16
CA ALA B 80 -24.77 4.20 -11.69
C ALA B 80 -24.88 3.17 -10.56
N PRO B 81 -25.46 2.00 -10.85
CA PRO B 81 -25.46 0.91 -9.87
C PRO B 81 -24.05 0.59 -9.37
N ILE B 82 -23.94 0.32 -8.07
CA ILE B 82 -22.68 -0.01 -7.46
C ILE B 82 -22.90 -1.25 -6.61
N LEU B 83 -22.23 -2.35 -6.93
CA LEU B 83 -22.35 -3.61 -6.20
C LEU B 83 -21.15 -3.83 -5.25
N VAL B 84 -21.41 -4.17 -4.01
CA VAL B 84 -20.34 -4.57 -3.08
C VAL B 84 -20.13 -6.06 -3.18
N LEU B 85 -18.92 -6.48 -3.58
CA LEU B 85 -18.65 -7.90 -3.92
C LEU B 85 -18.41 -8.76 -2.69
N GLY B 86 -17.97 -8.15 -1.60
CA GLY B 86 -17.63 -8.92 -0.40
C GLY B 86 -18.75 -8.86 0.60
N PHE B 87 -18.47 -9.21 1.85
CA PHE B 87 -19.48 -9.24 2.89
C PHE B 87 -19.63 -7.86 3.54
N THR B 88 -20.89 -7.46 3.69
CA THR B 88 -21.22 -6.24 4.40
C THR B 88 -21.96 -6.55 5.69
N SER B 89 -21.39 -6.06 6.78
CA SER B 89 -22.00 -6.21 8.08
C SER B 89 -23.37 -5.53 8.14
N LEU B 90 -24.28 -6.13 8.90
CA LEU B 90 -25.63 -5.59 9.06
C LEU B 90 -25.61 -4.17 9.66
N SER B 91 -24.50 -3.82 10.30
CA SER B 91 -24.35 -2.47 10.86
C SER B 91 -24.41 -1.39 9.78
N CYS B 92 -24.20 -1.76 8.52
CA CYS B 92 -24.19 -0.78 7.43
C CYS B 92 -25.36 -0.89 6.47
N VAL B 93 -26.37 -1.64 6.83
CA VAL B 93 -27.51 -1.80 5.91
C VAL B 93 -28.24 -0.45 5.72
N LYS B 94 -28.49 0.25 6.82
CA LYS B 94 -29.15 1.54 6.78
C LYS B 94 -28.48 2.53 5.85
N LYS B 95 -27.20 2.72 6.12
CA LYS B 95 -26.31 3.51 5.30
C LYS B 95 -26.28 3.10 3.82
N SER B 96 -26.23 1.79 3.56
CA SER B 96 -26.12 1.33 2.15
C SER B 96 -27.39 1.65 1.41
N ALA B 97 -28.51 1.48 2.09
CA ALA B 97 -29.82 1.79 1.52
C ALA B 97 -29.95 3.29 1.21
N ALA B 98 -29.48 4.13 2.14
CA ALA B 98 -29.51 5.58 1.95
C ALA B 98 -28.68 6.06 0.76
N TRP B 99 -27.57 5.39 0.50
CA TRP B 99 -26.68 5.82 -0.59
C TRP B 99 -26.93 5.02 -1.90
N ASN B 100 -27.95 4.18 -1.90
CA ASN B 100 -28.32 3.37 -3.07
C ASN B 100 -27.13 2.46 -3.51
N ILE B 101 -26.52 1.82 -2.53
CA ILE B 101 -25.43 0.90 -2.80
C ILE B 101 -26.03 -0.53 -2.78
N THR B 102 -25.69 -1.35 -3.77
CA THR B 102 -26.21 -2.72 -3.84
C THR B 102 -25.24 -3.64 -3.09
N LEU B 103 -25.80 -4.47 -2.22
CA LEU B 103 -25.00 -5.38 -1.43
C LEU B 103 -25.20 -6.80 -1.92
N SER B 104 -24.13 -7.57 -1.85
CA SER B 104 -24.27 -8.99 -2.07
C SER B 104 -24.55 -9.69 -0.73
N ALA B 105 -25.39 -10.71 -0.78
CA ALA B 105 -25.69 -11.54 0.40
C ALA B 105 -26.07 -12.95 -0.08
N PHE B 106 -26.35 -13.76 0.62
CA PHE B 106 -26.58 -15.19 0.39
C PHE B 106 -26.97 -15.99 1.64
N GLN B 107 -27.39 -15.53 2.63
CA GLN B 107 -27.92 -16.28 3.77
C GLN B 107 -29.28 -15.75 4.23
N VAL B 108 -30.19 -16.65 4.56
CA VAL B 108 -31.55 -16.35 5.01
C VAL B 108 -31.57 -15.36 6.16
N ASP B 109 -30.81 -15.68 7.20
CA ASP B 109 -30.81 -14.86 8.40
C ASP B 109 -30.35 -13.44 8.10
N TRP B 110 -29.34 -13.31 7.24
CA TRP B 110 -28.85 -11.98 6.90
C TRP B 110 -29.98 -11.20 6.23
N MET B 111 -30.66 -11.83 5.28
CA MET B 111 -31.77 -11.18 4.57
C MET B 111 -32.85 -10.73 5.53
N LYS B 112 -33.24 -11.62 6.43
CA LYS B 112 -34.33 -11.33 7.36
C LYS B 112 -33.92 -10.22 8.31
N GLU B 113 -32.69 -10.30 8.82
CA GLU B 113 -32.23 -9.29 9.78
C GLU B 113 -32.02 -7.93 9.13
N ALA B 114 -31.51 -7.91 7.91
CA ALA B 114 -31.32 -6.66 7.18
C ALA B 114 -32.69 -5.98 6.95
N ASN B 115 -33.69 -6.77 6.58
CA ASN B 115 -35.04 -6.27 6.39
C ASN B 115 -35.62 -5.65 7.65
N GLU B 116 -35.36 -6.30 8.79
CA GLU B 116 -35.87 -5.84 10.09
C GLU B 116 -35.25 -4.50 10.48
N ILE B 117 -33.93 -4.37 10.29
CA ILE B 117 -33.23 -3.12 10.57
C ILE B 117 -33.88 -2.00 9.78
N LEU B 118 -34.09 -2.21 8.48
CA LEU B 118 -34.65 -1.18 7.60
C LEU B 118 -36.10 -0.86 7.99
N GLU B 119 -36.85 -1.87 8.40
CA GLU B 119 -38.20 -1.66 8.90
C GLU B 119 -38.21 -0.77 10.13
N LYS B 120 -37.36 -1.10 11.08
CA LYS B 120 -37.28 -0.40 12.36
C LYS B 120 -36.86 1.04 12.23
N GLU B 121 -36.14 1.36 11.15
CA GLU B 121 -35.61 2.71 10.92
C GLU B 121 -36.48 3.46 9.94
N ALA B 122 -37.59 2.85 9.53
CA ALA B 122 -38.50 3.46 8.55
C ALA B 122 -37.65 4.00 7.42
N SER B 123 -37.05 3.08 6.68
CA SER B 123 -36.04 3.45 5.72
C SER B 123 -36.76 3.99 4.49
N ALA B 124 -36.36 5.20 4.08
CA ALA B 124 -37.01 5.85 2.95
C ALA B 124 -36.56 5.24 1.61
N ASN B 125 -35.69 4.23 1.66
CA ASN B 125 -35.19 3.56 0.46
C ASN B 125 -35.11 2.05 0.66
N ARG B 126 -35.42 1.28 -0.38
CA ARG B 126 -35.21 -0.16 -0.34
C ARG B 126 -33.73 -0.47 -0.67
N LEU B 127 -33.23 -1.53 -0.09
CA LEU B 127 -31.87 -1.98 -0.31
C LEU B 127 -31.78 -3.01 -1.47
N ALA B 128 -31.02 -2.70 -2.50
CA ALA B 128 -30.79 -3.64 -3.58
C ALA B 128 -29.79 -4.73 -3.16
N ILE B 129 -30.09 -5.96 -3.55
CA ILE B 129 -29.33 -7.16 -3.16
C ILE B 129 -28.96 -7.99 -4.39
N HIS B 130 -27.69 -8.40 -4.51
CA HIS B 130 -27.38 -9.54 -5.40
C HIS B 130 -27.09 -10.78 -4.55
N ILE B 131 -27.54 -11.93 -5.03
CA ILE B 131 -27.20 -13.19 -4.40
C ILE B 131 -25.97 -13.83 -5.02
N ASN B 132 -25.00 -14.15 -4.17
CA ASN B 132 -23.79 -14.87 -4.55
C ASN B 132 -24.01 -16.37 -4.41
N VAL B 133 -23.89 -17.07 -5.54
CA VAL B 133 -23.86 -18.54 -5.56
C VAL B 133 -22.41 -19.01 -5.67
N ASP B 134 -21.97 -19.79 -4.68
CA ASP B 134 -20.61 -20.34 -4.64
C ASP B 134 -20.66 -21.68 -5.36
N THR B 135 -20.07 -21.71 -6.56
CA THR B 135 -19.99 -22.92 -7.36
C THR B 135 -18.56 -23.52 -7.41
N GLY B 136 -17.63 -23.01 -6.60
CA GLY B 136 -16.31 -23.62 -6.53
C GLY B 136 -15.17 -22.70 -6.12
N MET B 137 -15.44 -21.41 -5.99
CA MET B 137 -14.42 -20.49 -5.53
C MET B 137 -14.20 -20.69 -4.01
N GLY B 138 -15.23 -21.18 -3.31
CA GLY B 138 -15.13 -21.47 -1.90
C GLY B 138 -14.91 -20.27 -0.98
N ARG B 139 -15.28 -19.08 -1.44
CA ARG B 139 -15.00 -17.84 -0.70
C ARG B 139 -16.29 -17.34 -0.02
N LEU B 140 -17.20 -16.80 -0.82
CA LEU B 140 -18.54 -16.48 -0.32
C LEU B 140 -19.57 -17.08 -1.22
N GLY B 141 -20.78 -17.20 -0.69
CA GLY B 141 -21.92 -17.63 -1.48
C GLY B 141 -22.65 -18.87 -0.97
N VAL B 142 -23.86 -19.08 -1.48
CA VAL B 142 -24.68 -20.22 -1.11
C VAL B 142 -24.27 -21.37 -2.02
N ARG B 143 -24.24 -22.60 -1.46
CA ARG B 143 -23.59 -23.74 -2.14
C ARG B 143 -24.52 -24.88 -2.62
N THR B 144 -25.79 -24.87 -2.20
CA THR B 144 -26.75 -25.89 -2.64
C THR B 144 -28.00 -25.24 -3.20
N LYS B 145 -28.67 -25.91 -4.14
CA LYS B 145 -29.87 -25.32 -4.77
C LYS B 145 -31.03 -25.20 -3.79
N GLU B 146 -31.12 -26.12 -2.82
CA GLU B 146 -32.18 -26.03 -1.82
C GLU B 146 -31.98 -24.81 -0.91
N GLU B 147 -30.72 -24.60 -0.59
CA GLU B 147 -30.33 -23.48 0.29
C GLU B 147 -30.64 -22.17 -0.48
N LEU B 148 -30.20 -22.16 -1.71
CA LEU B 148 -30.45 -21.04 -2.60
C LEU B 148 -31.94 -20.72 -2.67
N LEU B 149 -32.78 -21.74 -2.80
CA LEU B 149 -34.20 -21.47 -2.88
C LEU B 149 -34.72 -20.81 -1.60
N GLU B 150 -34.23 -21.21 -0.43
CA GLU B 150 -34.68 -20.57 0.81
C GLU B 150 -34.20 -19.11 0.89
N VAL B 151 -32.98 -18.84 0.40
CA VAL B 151 -32.45 -17.48 0.40
C VAL B 151 -33.31 -16.57 -0.50
N VAL B 152 -33.67 -17.06 -1.68
CA VAL B 152 -34.53 -16.31 -2.61
C VAL B 152 -35.89 -16.00 -1.98
N LYS B 153 -36.51 -17.00 -1.36
CA LYS B 153 -37.82 -16.79 -0.73
C LYS B 153 -37.77 -15.74 0.36
N ALA B 154 -36.70 -15.78 1.17
CA ALA B 154 -36.51 -14.82 2.25
C ALA B 154 -36.32 -13.42 1.68
N LEU B 155 -35.51 -13.32 0.63
CA LEU B 155 -35.29 -12.04 -0.02
C LEU B 155 -36.61 -11.51 -0.57
N LYS B 156 -37.37 -12.35 -1.26
CA LYS B 156 -38.63 -11.93 -1.88
C LYS B 156 -39.72 -11.54 -0.86
N ALA B 157 -39.76 -12.20 0.28
CA ALA B 157 -40.72 -11.82 1.32
C ALA B 157 -40.30 -10.53 2.05
N SER B 158 -39.09 -10.05 1.82
CA SER B 158 -38.52 -8.87 2.48
C SER B 158 -38.81 -7.61 1.67
N LYS B 159 -39.83 -6.87 2.08
CA LYS B 159 -40.34 -5.74 1.32
C LYS B 159 -39.38 -4.56 1.31
N PHE B 160 -38.48 -4.50 2.28
CA PHE B 160 -37.47 -3.44 2.29
C PHE B 160 -36.20 -3.84 1.54
N LEU B 161 -36.19 -5.03 0.94
CA LEU B 161 -35.09 -5.51 0.09
C LEU B 161 -35.58 -5.66 -1.35
N ARG B 162 -34.66 -5.59 -2.30
CA ARG B 162 -35.00 -5.66 -3.72
C ARG B 162 -33.94 -6.48 -4.48
N TRP B 163 -34.35 -7.61 -5.05
CA TRP B 163 -33.45 -8.52 -5.77
C TRP B 163 -33.11 -8.01 -7.16
N THR B 164 -31.86 -7.62 -7.37
CA THR B 164 -31.49 -7.08 -8.69
C THR B 164 -30.41 -7.89 -9.42
N GLY B 165 -29.90 -8.97 -8.81
CA GLY B 165 -28.91 -9.79 -9.50
C GLY B 165 -28.56 -11.10 -8.82
N ILE B 166 -27.95 -11.99 -9.58
CA ILE B 166 -27.47 -13.24 -9.02
C ILE B 166 -26.20 -13.60 -9.78
N PHE B 167 -25.18 -14.06 -9.04
CA PHE B 167 -23.90 -14.27 -9.66
C PHE B 167 -23.10 -15.40 -9.07
N THR B 168 -22.09 -15.79 -9.85
CA THR B 168 -21.02 -16.63 -9.35
C THR B 168 -19.65 -16.19 -9.87
N HIS B 169 -18.63 -16.74 -9.26
CA HIS B 169 -17.23 -16.44 -9.62
C HIS B 169 -16.41 -17.71 -9.95
N PHE B 170 -15.74 -17.71 -11.08
CA PHE B 170 -14.83 -18.72 -11.68
C PHE B 170 -13.46 -18.63 -10.99
N SER B 171 -12.94 -19.76 -10.52
CA SER B 171 -11.68 -19.76 -9.79
C SER B 171 -10.50 -20.10 -10.69
N THR B 172 -10.79 -20.70 -11.84
CA THR B 172 -9.71 -21.12 -12.74
C THR B 172 -9.97 -20.83 -14.23
N ALA B 173 -10.72 -19.77 -14.53
CA ALA B 173 -11.09 -19.47 -15.90
C ALA B 173 -9.91 -18.93 -16.73
N ASP B 174 -8.82 -18.60 -16.06
CA ASP B 174 -7.64 -18.08 -16.73
C ASP B 174 -6.59 -19.18 -16.98
N GLU B 175 -6.96 -20.45 -16.77
CA GLU B 175 -6.02 -21.57 -16.94
C GLU B 175 -6.32 -22.41 -18.18
N PRO B 176 -5.29 -23.08 -18.73
CA PRO B 176 -5.45 -23.94 -19.92
C PRO B 176 -6.40 -25.09 -19.70
N ASP B 177 -6.38 -25.72 -18.53
CA ASP B 177 -7.35 -26.78 -18.25
C ASP B 177 -8.69 -26.16 -17.85
N THR B 178 -9.66 -26.29 -18.75
CA THR B 178 -10.97 -25.66 -18.59
C THR B 178 -11.98 -26.51 -17.84
N THR B 179 -11.57 -27.69 -17.38
CA THR B 179 -12.48 -28.63 -16.75
C THR B 179 -13.28 -28.02 -15.58
N LEU B 180 -12.57 -27.37 -14.67
CA LEU B 180 -13.23 -26.78 -13.47
C LEU B 180 -14.25 -25.68 -13.89
N THR B 181 -13.86 -24.87 -14.83
CA THR B 181 -14.66 -23.75 -15.24
C THR B 181 -15.96 -24.26 -15.86
N LYS B 182 -15.89 -25.32 -16.66
CA LYS B 182 -17.08 -25.88 -17.28
C LYS B 182 -17.99 -26.52 -16.23
N LEU B 183 -17.41 -27.15 -15.22
CA LEU B 183 -18.21 -27.69 -14.13
C LEU B 183 -18.89 -26.55 -13.33
N GLN B 184 -18.18 -25.46 -13.04
CA GLN B 184 -18.81 -24.33 -12.35
C GLN B 184 -20.01 -23.79 -13.14
N HIS B 185 -19.78 -23.57 -14.44
CA HIS B 185 -20.79 -23.04 -15.33
C HIS B 185 -22.05 -23.92 -15.32
N GLU B 186 -21.79 -25.20 -15.49
CA GLU B 186 -22.89 -26.17 -15.51
C GLU B 186 -23.66 -26.12 -14.18
N LYS B 187 -22.95 -26.08 -13.07
CA LYS B 187 -23.57 -26.05 -11.76
C LYS B 187 -24.40 -24.78 -11.61
N PHE B 188 -23.84 -23.65 -12.02
CA PHE B 188 -24.55 -22.37 -11.92
C PHE B 188 -25.86 -22.40 -12.69
N ILE B 189 -25.79 -22.86 -13.93
CA ILE B 189 -26.96 -22.97 -14.82
C ILE B 189 -27.96 -23.95 -14.21
N SER B 190 -27.49 -25.06 -13.64
CA SER B 190 -28.41 -25.98 -12.97
C SER B 190 -29.13 -25.32 -11.79
N PHE B 191 -28.42 -24.56 -10.97
CA PHE B 191 -29.09 -23.85 -9.86
C PHE B 191 -30.13 -22.85 -10.39
N LEU B 192 -29.77 -22.11 -11.44
CA LEU B 192 -30.68 -21.11 -11.98
C LEU B 192 -31.91 -21.81 -12.60
N SER B 193 -31.67 -22.95 -13.20
CA SER B 193 -32.78 -23.71 -13.81
C SER B 193 -33.70 -24.21 -12.67
N PHE B 194 -33.12 -24.70 -11.60
CA PHE B 194 -33.92 -25.10 -10.46
C PHE B 194 -34.89 -23.99 -10.03
N LEU B 195 -34.41 -22.75 -9.94
CA LEU B 195 -35.27 -21.63 -9.53
C LEU B 195 -36.40 -21.40 -10.53
N LYS B 196 -36.08 -21.48 -11.81
CA LYS B 196 -37.07 -21.20 -12.82
C LYS B 196 -38.17 -22.24 -12.81
N LYS B 197 -37.80 -23.49 -12.59
CA LYS B 197 -38.80 -24.52 -12.51
C LYS B 197 -39.72 -24.25 -11.31
N GLN B 198 -39.21 -23.55 -10.30
CA GLN B 198 -40.07 -23.13 -9.20
C GLN B 198 -40.94 -21.95 -9.62
N GLY B 199 -40.74 -21.47 -10.83
CA GLY B 199 -41.54 -20.37 -11.33
C GLY B 199 -40.91 -19.01 -11.01
N ILE B 200 -39.68 -18.99 -10.48
CA ILE B 200 -39.04 -17.73 -10.09
C ILE B 200 -38.48 -17.03 -11.31
N GLU B 201 -38.75 -15.73 -11.45
CA GLU B 201 -38.16 -14.99 -12.57
C GLU B 201 -36.77 -14.48 -12.17
N LEU B 202 -35.80 -14.64 -13.03
CA LEU B 202 -34.44 -14.32 -12.63
C LEU B 202 -34.14 -12.86 -12.89
N PRO B 203 -33.45 -12.22 -11.95
CA PRO B 203 -32.91 -10.91 -12.28
C PRO B 203 -31.64 -11.00 -13.14
N THR B 204 -30.89 -9.93 -13.23
CA THR B 204 -29.66 -9.88 -13.98
C THR B 204 -28.66 -10.99 -13.52
N VAL B 205 -28.31 -11.90 -14.40
CA VAL B 205 -27.34 -12.98 -14.15
C VAL B 205 -25.96 -12.59 -14.68
N HIS B 206 -24.94 -12.69 -13.82
CA HIS B 206 -23.57 -12.48 -14.26
C HIS B 206 -22.60 -13.47 -13.65
N MET B 207 -21.60 -13.88 -14.43
CA MET B 207 -20.63 -14.87 -13.97
C MET B 207 -19.21 -14.62 -14.47
N CYS B 208 -19.06 -13.90 -15.56
CA CYS B 208 -17.73 -13.71 -16.12
C CYS B 208 -16.86 -12.60 -15.50
N ASN B 209 -15.64 -12.99 -15.27
CA ASN B 209 -14.57 -12.07 -14.98
C ASN B 209 -13.85 -11.79 -16.36
N THR B 210 -12.78 -11.05 -16.33
CA THR B 210 -11.98 -10.72 -17.53
C THR B 210 -11.63 -12.02 -18.27
N ALA B 211 -11.15 -13.03 -17.53
CA ALA B 211 -10.70 -14.28 -18.14
C ALA B 211 -11.80 -14.99 -18.92
N ALA B 212 -12.92 -15.22 -18.25
CA ALA B 212 -14.06 -15.93 -18.84
C ALA B 212 -14.69 -15.11 -19.96
N ALA B 213 -14.64 -13.79 -19.83
CA ALA B 213 -15.18 -12.92 -20.86
C ALA B 213 -14.41 -13.10 -22.16
N ILE B 214 -13.09 -13.27 -22.05
CA ILE B 214 -12.26 -13.43 -23.23
C ILE B 214 -12.34 -14.88 -23.73
N ALA B 215 -12.21 -15.85 -22.84
CA ALA B 215 -12.12 -17.25 -23.26
C ALA B 215 -13.49 -17.93 -23.43
N PHE B 216 -14.51 -17.38 -22.80
CA PHE B 216 -15.83 -17.97 -22.82
C PHE B 216 -16.92 -16.92 -22.96
N PRO B 217 -16.80 -16.05 -23.99
CA PRO B 217 -17.80 -14.98 -24.12
C PRO B 217 -19.25 -15.47 -24.14
N GLU B 218 -19.48 -16.72 -24.51
CA GLU B 218 -20.84 -17.26 -24.54
C GLU B 218 -21.47 -17.41 -23.13
N PHE B 219 -20.65 -17.24 -22.09
CA PHE B 219 -21.12 -17.29 -20.70
C PHE B 219 -21.47 -15.87 -20.19
N SER B 220 -21.44 -14.89 -21.07
CA SER B 220 -21.59 -13.50 -20.65
C SER B 220 -23.01 -13.21 -20.11
N ALA B 221 -24.01 -14.03 -20.46
CA ALA B 221 -25.33 -13.91 -19.85
C ALA B 221 -25.79 -12.46 -19.91
N ASP B 222 -26.34 -11.91 -18.86
CA ASP B 222 -26.81 -10.54 -18.85
C ASP B 222 -25.72 -9.49 -18.62
N MET B 223 -24.59 -9.90 -18.07
CA MET B 223 -23.56 -8.93 -17.66
C MET B 223 -22.30 -9.65 -17.28
N ILE B 224 -21.16 -9.02 -17.58
CA ILE B 224 -19.87 -9.49 -17.13
C ILE B 224 -19.26 -8.50 -16.14
N ARG B 225 -18.25 -8.94 -15.41
CA ARG B 225 -17.53 -8.14 -14.44
C ARG B 225 -16.11 -7.87 -14.98
N LEU B 226 -15.89 -6.72 -15.58
CA LEU B 226 -14.59 -6.43 -16.16
C LEU B 226 -13.68 -5.73 -15.15
N GLY B 227 -12.66 -6.46 -14.68
CA GLY B 227 -11.68 -5.92 -13.77
C GLY B 227 -10.35 -5.65 -14.46
N ILE B 228 -9.43 -6.62 -14.34
CA ILE B 228 -8.05 -6.44 -14.75
C ILE B 228 -7.97 -5.95 -16.18
N GLY B 229 -8.85 -6.45 -17.04
CA GLY B 229 -8.82 -6.09 -18.46
C GLY B 229 -9.09 -4.61 -18.75
N LEU B 230 -9.91 -4.01 -17.92
CA LEU B 230 -10.21 -2.60 -18.03
C LEU B 230 -8.94 -1.78 -18.01
N TYR B 231 -8.01 -2.20 -17.14
CA TYR B 231 -6.74 -1.52 -16.93
C TYR B 231 -5.69 -1.92 -17.98
N GLY B 232 -6.07 -2.75 -18.95
CA GLY B 232 -5.17 -3.12 -20.04
C GLY B 232 -4.20 -4.21 -19.65
N LEU B 233 -4.58 -5.02 -18.68
CA LEU B 233 -3.73 -6.11 -18.17
C LEU B 233 -4.49 -7.41 -18.27
N TYR B 234 -3.81 -8.46 -18.68
CA TYR B 234 -4.46 -9.76 -18.87
C TYR B 234 -4.50 -10.53 -17.55
N PRO B 235 -5.53 -11.36 -17.34
CA PRO B 235 -5.57 -12.16 -16.10
C PRO B 235 -4.51 -13.27 -15.99
N SER B 236 -3.93 -13.71 -17.11
CA SER B 236 -2.85 -14.70 -17.12
C SER B 236 -2.14 -14.68 -18.47
N ALA B 237 -0.90 -15.17 -18.51
CA ALA B 237 -0.15 -15.30 -19.76
C ALA B 237 -0.97 -16.13 -20.75
N TYR B 238 -1.64 -17.15 -20.24
CA TYR B 238 -2.39 -18.06 -21.09
C TYR B 238 -3.48 -17.31 -21.82
N ILE B 239 -4.24 -16.49 -21.13
CA ILE B 239 -5.34 -15.73 -21.74
C ILE B 239 -4.75 -14.73 -22.75
N LYS B 240 -3.65 -14.08 -22.39
CA LYS B 240 -3.00 -13.18 -23.33
C LYS B 240 -2.59 -13.92 -24.60
N GLN B 241 -2.06 -15.11 -24.42
CA GLN B 241 -1.55 -15.88 -25.56
C GLN B 241 -2.71 -16.29 -26.49
N LEU B 242 -3.91 -16.33 -25.97
CA LEU B 242 -5.01 -16.71 -26.87
C LEU B 242 -5.15 -15.74 -28.04
N ASN B 243 -4.67 -14.51 -27.84
CA ASN B 243 -4.68 -13.47 -28.87
C ASN B 243 -6.09 -13.21 -29.42
N LEU B 244 -7.06 -13.06 -28.52
CA LEU B 244 -8.45 -12.84 -28.91
C LEU B 244 -8.89 -11.39 -28.75
N VAL B 245 -8.28 -10.66 -27.81
CA VAL B 245 -8.55 -9.25 -27.61
C VAL B 245 -7.24 -8.51 -27.29
N LYS B 246 -7.14 -7.32 -27.86
CA LYS B 246 -5.99 -6.43 -27.76
C LYS B 246 -6.22 -5.43 -26.64
N LEU B 247 -5.40 -5.53 -25.60
CA LEU B 247 -5.49 -4.62 -24.46
C LEU B 247 -4.23 -3.74 -24.38
N GLU B 248 -4.39 -2.48 -24.02
CA GLU B 248 -3.26 -1.55 -23.86
C GLU B 248 -3.14 -1.18 -22.35
N PRO B 249 -1.97 -1.37 -21.75
CA PRO B 249 -1.83 -1.06 -20.33
C PRO B 249 -2.02 0.43 -20.07
N ALA B 250 -2.90 0.75 -19.13
CA ALA B 250 -3.22 2.14 -18.80
C ALA B 250 -2.26 2.81 -17.79
N LEU B 251 -1.63 2.05 -16.90
CA LEU B 251 -0.81 2.68 -15.84
C LEU B 251 0.68 2.72 -16.17
N SER B 252 1.27 3.88 -15.89
CA SER B 252 2.71 4.02 -15.83
C SER B 252 3.06 4.71 -14.51
N LEU B 253 4.28 4.44 -14.06
CA LEU B 253 4.81 4.99 -12.81
C LEU B 253 6.15 5.62 -13.12
N LYS B 254 6.29 6.89 -12.76
CA LYS B 254 7.44 7.65 -13.15
C LYS B 254 8.05 8.41 -11.96
N ALA B 255 9.29 8.86 -12.14
CA ALA B 255 9.94 9.79 -11.21
C ALA B 255 10.93 10.66 -11.94
N ARG B 256 11.46 11.65 -11.22
CA ARG B 256 12.62 12.43 -11.66
C ARG B 256 13.80 12.19 -10.74
N ILE B 257 14.99 12.15 -11.32
CA ILE B 257 16.20 11.97 -10.55
C ILE B 257 16.39 13.08 -9.57
N ALA B 258 16.57 12.69 -8.31
CA ALA B 258 16.73 13.61 -7.19
C ALA B 258 18.17 14.08 -7.05
N TYR B 259 19.11 13.18 -7.37
CA TYR B 259 20.53 13.51 -7.29
C TYR B 259 21.36 12.52 -8.12
N VAL B 260 22.47 13.03 -8.67
CA VAL B 260 23.41 12.25 -9.46
C VAL B 260 24.80 12.51 -8.93
N LYS B 261 25.58 11.44 -8.81
CA LYS B 261 26.94 11.59 -8.31
C LYS B 261 27.88 10.53 -8.86
N THR B 262 29.17 10.87 -8.93
CA THR B 262 30.22 9.91 -9.32
C THR B 262 30.85 9.44 -8.03
N MET B 263 31.08 8.15 -7.88
CA MET B 263 31.51 7.63 -6.59
C MET B 263 33.00 7.64 -6.42
N ARG B 264 33.58 8.82 -6.59
CA ARG B 264 35.03 9.03 -6.59
C ARG B 264 35.71 8.67 -5.28
N THR B 265 35.06 8.99 -4.18
CA THR B 265 35.68 8.81 -2.89
C THR B 265 35.17 7.65 -2.09
N GLU B 266 36.00 7.16 -1.18
CA GLU B 266 35.65 5.99 -0.37
C GLU B 266 34.95 6.46 0.90
N PRO B 267 34.07 5.65 1.47
CA PRO B 267 33.65 4.33 0.95
C PRO B 267 32.68 4.45 -0.22
N ARG B 268 32.62 3.44 -1.07
CA ARG B 268 31.73 3.46 -2.23
C ARG B 268 30.53 2.50 -2.04
N THR B 269 30.17 2.27 -0.78
CA THR B 269 29.07 1.41 -0.41
C THR B 269 27.73 2.10 -0.76
N VAL B 270 26.74 1.38 -1.27
CA VAL B 270 25.45 2.02 -1.50
C VAL B 270 24.28 1.32 -0.82
N SER B 271 23.45 2.14 -0.21
CA SER B 271 22.29 1.72 0.59
C SER B 271 22.56 0.86 1.84
N TYR B 272 21.47 0.43 2.48
CA TYR B 272 21.55 -0.41 3.67
C TYR B 272 22.27 -1.77 3.40
N GLY B 273 22.96 -2.28 4.41
CA GLY B 273 23.68 -3.55 4.30
C GLY B 273 24.98 -3.45 3.51
N ALA B 274 25.21 -2.31 2.88
CA ALA B 274 26.38 -2.13 2.04
C ALA B 274 26.51 -3.26 1.03
N THR B 275 25.37 -3.70 0.46
CA THR B 275 25.32 -4.86 -0.43
C THR B 275 25.84 -4.57 -1.83
N TYR B 276 26.17 -3.31 -2.10
CA TYR B 276 26.66 -2.93 -3.43
C TYR B 276 27.81 -1.93 -3.30
N ILE B 277 28.89 -2.16 -4.01
CA ILE B 277 30.06 -1.26 -3.98
C ILE B 277 30.30 -0.71 -5.37
N ALA B 278 30.25 0.61 -5.50
CA ALA B 278 30.42 1.24 -6.81
C ALA B 278 31.91 1.39 -7.19
N GLU B 279 32.17 1.44 -8.50
CA GLU B 279 33.50 1.77 -9.01
C GLU B 279 33.79 3.24 -8.81
N PRO B 280 35.08 3.63 -8.77
CA PRO B 280 35.43 5.04 -8.56
C PRO B 280 34.89 6.02 -9.61
N ASN B 281 34.64 5.60 -10.85
CA ASN B 281 34.10 6.49 -11.90
C ASN B 281 32.62 6.17 -12.21
N GLU B 282 32.03 5.32 -11.40
CA GLU B 282 30.65 4.94 -11.58
C GLU B 282 29.68 6.01 -11.08
N VAL B 283 28.63 6.23 -11.87
CA VAL B 283 27.62 7.25 -11.61
C VAL B 283 26.38 6.60 -10.98
N ILE B 284 25.96 7.13 -9.83
CA ILE B 284 24.81 6.62 -9.08
C ILE B 284 23.75 7.72 -9.02
N ALA B 285 22.54 7.38 -9.44
CA ALA B 285 21.40 8.29 -9.43
C ALA B 285 20.38 7.85 -8.35
N THR B 286 19.90 8.81 -7.55
CA THR B 286 18.94 8.54 -6.48
C THR B 286 17.53 8.96 -6.88
N LEU B 287 16.57 8.08 -6.64
CA LEU B 287 15.18 8.26 -7.09
C LEU B 287 14.18 8.21 -5.92
N PRO B 288 13.18 9.09 -5.95
CA PRO B 288 12.24 9.20 -4.83
C PRO B 288 11.09 8.20 -4.93
N ILE B 289 11.42 6.91 -4.94
CA ILE B 289 10.43 5.85 -4.76
C ILE B 289 11.05 4.79 -3.88
N GLY B 290 10.24 4.17 -3.03
CA GLY B 290 10.73 3.12 -2.16
C GLY B 290 9.67 2.10 -1.82
N TYR B 291 9.95 1.20 -0.90
CA TYR B 291 9.02 0.12 -0.64
C TYR B 291 7.72 0.56 0.05
N ALA B 292 7.70 1.69 0.77
CA ALA B 292 6.43 2.16 1.33
C ALA B 292 5.52 2.74 0.26
N ASP B 293 6.07 2.96 -0.95
CA ASP B 293 5.23 3.30 -2.14
C ASP B 293 4.63 2.07 -2.82
N GLY B 294 5.12 0.87 -2.45
CA GLY B 294 4.70 -0.37 -3.06
C GLY B 294 5.75 -0.91 -4.04
N TYR B 295 6.90 -0.25 -4.11
CA TYR B 295 8.04 -0.72 -4.92
C TYR B 295 8.81 -1.73 -4.10
N SER B 296 8.56 -2.99 -4.40
CA SER B 296 8.97 -4.10 -3.55
C SER B 296 10.44 -4.12 -3.14
N ARG B 297 10.68 -4.35 -1.86
CA ARG B 297 12.05 -4.47 -1.35
C ARG B 297 12.79 -5.66 -2.01
N ALA B 298 12.04 -6.61 -2.56
CA ALA B 298 12.65 -7.75 -3.25
C ALA B 298 13.23 -7.35 -4.64
N LEU B 299 13.00 -6.14 -5.09
CA LEU B 299 13.73 -5.63 -6.23
C LEU B 299 15.14 -5.13 -5.87
N SER B 300 15.52 -5.21 -4.59
CA SER B 300 16.87 -4.83 -4.11
C SER B 300 17.96 -5.52 -4.98
N ASN B 301 18.88 -4.75 -5.56
CA ASN B 301 19.87 -5.29 -6.51
C ASN B 301 19.32 -6.17 -7.66
N ARG B 302 18.07 -5.95 -8.07
CA ARG B 302 17.44 -6.78 -9.08
C ARG B 302 16.63 -6.01 -10.11
N GLY B 303 15.89 -5.00 -9.65
CA GLY B 303 15.00 -4.24 -10.51
C GLY B 303 15.74 -3.39 -11.51
N PHE B 304 14.98 -2.90 -12.46
CA PHE B 304 15.44 -2.01 -13.50
C PHE B 304 14.45 -0.86 -13.61
N VAL B 305 14.94 0.32 -13.99
CA VAL B 305 14.11 1.44 -14.39
C VAL B 305 14.62 1.90 -15.77
N LEU B 306 13.86 2.73 -16.49
CA LEU B 306 14.26 3.25 -17.78
C LEU B 306 14.74 4.66 -17.60
N HIS B 307 15.90 4.94 -18.16
CA HIS B 307 16.45 6.28 -18.21
C HIS B 307 17.03 6.49 -19.59
N ARG B 308 16.52 7.50 -20.28
CA ARG B 308 16.97 7.81 -21.63
C ARG B 308 16.84 6.60 -22.53
N GLY B 309 15.74 5.89 -22.39
CA GLY B 309 15.43 4.77 -23.25
C GLY B 309 16.12 3.47 -22.94
N LYS B 310 16.89 3.42 -21.87
CA LYS B 310 17.64 2.20 -21.58
C LYS B 310 17.42 1.72 -20.16
N ARG B 311 17.48 0.41 -19.98
CA ARG B 311 17.34 -0.17 -18.64
C ARG B 311 18.53 0.13 -17.76
N VAL B 312 18.33 0.69 -16.57
CA VAL B 312 19.44 0.85 -15.65
C VAL B 312 19.07 0.15 -14.34
N PRO B 313 20.03 -0.56 -13.73
CA PRO B 313 19.73 -1.44 -12.58
C PRO B 313 19.64 -0.71 -11.24
N VAL B 314 18.76 -1.21 -10.38
CA VAL B 314 18.75 -0.89 -8.96
C VAL B 314 20.08 -1.33 -8.38
N ALA B 315 20.71 -0.41 -7.64
CA ALA B 315 21.98 -0.67 -6.97
C ALA B 315 21.77 -0.74 -5.47
N GLY B 316 22.02 -1.89 -4.86
CA GLY B 316 21.88 -2.02 -3.42
C GLY B 316 20.41 -2.16 -3.02
N ARG B 317 20.13 -2.01 -1.73
CA ARG B 317 18.80 -2.26 -1.20
C ARG B 317 17.84 -1.12 -1.47
N VAL B 318 16.60 -1.49 -1.76
CA VAL B 318 15.47 -0.55 -1.81
C VAL B 318 15.27 -0.05 -0.38
N THR B 319 15.08 1.26 -0.21
CA THR B 319 14.83 1.80 1.13
C THR B 319 13.37 2.21 1.20
N MET B 320 12.94 2.77 2.32
CA MET B 320 11.51 2.97 2.53
C MET B 320 10.93 3.99 1.53
N ASP B 321 11.71 5.02 1.20
CA ASP B 321 11.26 6.12 0.33
C ASP B 321 12.12 6.38 -0.88
N MET B 322 13.24 5.63 -1.01
CA MET B 322 14.20 5.93 -2.07
C MET B 322 14.89 4.68 -2.60
N ILE B 323 15.32 4.75 -3.85
CA ILE B 323 16.20 3.75 -4.45
C ILE B 323 17.37 4.44 -5.12
N MET B 324 18.43 3.67 -5.33
CA MET B 324 19.58 4.08 -6.11
C MET B 324 19.69 3.19 -7.33
N VAL B 325 20.07 3.78 -8.47
CA VAL B 325 20.31 3.03 -9.71
C VAL B 325 21.68 3.42 -10.27
N SER B 326 22.29 2.52 -11.02
CA SER B 326 23.58 2.78 -11.61
C SER B 326 23.48 3.29 -13.04
N LEU B 327 24.03 4.47 -13.33
CA LEU B 327 24.11 4.92 -14.73
C LEU B 327 25.41 4.40 -15.40
N GLY B 328 26.15 3.55 -14.69
CA GLY B 328 27.37 2.96 -15.25
C GLY B 328 28.58 3.89 -15.17
N GLU B 329 29.72 3.46 -15.70
CA GLU B 329 30.94 4.27 -15.65
C GLU B 329 30.83 5.48 -16.56
N ASN B 330 31.00 6.67 -16.00
CA ASN B 330 30.86 7.94 -16.72
C ASN B 330 29.46 8.04 -17.37
N GLY B 331 28.43 7.44 -16.78
CA GLY B 331 27.12 7.47 -17.39
C GLY B 331 26.55 8.86 -17.39
N GLU B 332 25.73 9.16 -18.37
CA GLU B 332 25.17 10.48 -18.50
C GLU B 332 23.79 10.46 -17.88
N GLY B 333 23.52 11.49 -17.06
CA GLY B 333 22.24 11.66 -16.42
C GLY B 333 22.37 12.87 -15.54
N LYS B 334 21.27 13.61 -15.37
CA LYS B 334 21.28 14.82 -14.60
C LYS B 334 20.06 14.81 -13.66
N GLN B 335 20.23 15.40 -12.49
CA GLN B 335 19.10 15.73 -11.63
C GLN B 335 17.94 16.26 -12.48
N GLY B 336 16.72 15.80 -12.20
CA GLY B 336 15.56 16.26 -12.94
C GLY B 336 15.17 15.39 -14.13
N ASP B 337 16.07 14.56 -14.62
CA ASP B 337 15.72 13.64 -15.73
C ASP B 337 14.54 12.71 -15.37
N GLU B 338 13.64 12.50 -16.31
CA GLU B 338 12.51 11.61 -16.07
C GLU B 338 12.93 10.15 -16.20
N VAL B 339 12.46 9.34 -15.26
CA VAL B 339 12.73 7.90 -15.24
C VAL B 339 11.38 7.19 -15.25
N VAL B 340 11.30 6.09 -15.96
CA VAL B 340 10.07 5.30 -15.93
C VAL B 340 10.31 4.01 -15.13
N ILE B 341 9.47 3.84 -14.11
CA ILE B 341 9.64 2.73 -13.18
C ILE B 341 8.81 1.54 -13.64
N TYR B 342 7.54 1.79 -14.00
CA TYR B 342 6.69 0.84 -14.69
C TYR B 342 6.21 1.57 -15.94
N GLY B 343 6.42 0.97 -17.12
CA GLY B 343 5.86 1.51 -18.34
C GLY B 343 6.87 1.60 -19.47
N LYS B 344 6.63 2.53 -20.39
CA LYS B 344 7.40 2.65 -21.63
C LYS B 344 8.20 3.92 -21.67
N GLN B 345 9.35 3.89 -22.34
CA GLN B 345 10.16 5.08 -22.56
C GLN B 345 11.00 4.91 -23.80
N LYS B 346 10.80 5.77 -24.78
CA LYS B 346 11.48 5.66 -26.07
C LYS B 346 11.23 4.25 -26.63
N GLY B 347 12.26 3.45 -26.86
CA GLY B 347 11.96 2.13 -27.41
C GLY B 347 11.67 1.09 -26.35
N ALA B 348 11.88 1.46 -25.09
CA ALA B 348 11.97 0.46 -24.03
C ALA B 348 10.70 0.35 -23.20
N GLU B 349 10.56 -0.76 -22.47
CA GLU B 349 9.42 -1.00 -21.62
C GLU B 349 9.78 -1.90 -20.45
N ILE B 350 9.34 -1.52 -19.25
CA ILE B 350 9.36 -2.42 -18.10
C ILE B 350 7.92 -2.57 -17.65
N SER B 351 7.27 -3.64 -18.09
CA SER B 351 5.85 -3.80 -17.84
C SER B 351 5.60 -4.31 -16.44
N VAL B 352 4.40 -4.04 -15.96
CA VAL B 352 3.93 -4.53 -14.68
C VAL B 352 3.94 -6.07 -14.66
N ASP B 353 3.69 -6.69 -15.82
CA ASP B 353 3.75 -8.12 -15.92
C ASP B 353 5.22 -8.61 -15.70
N GLU B 354 6.19 -7.88 -16.23
CA GLU B 354 7.60 -8.27 -16.08
C GLU B 354 8.04 -8.09 -14.61
N VAL B 355 7.59 -7.02 -13.98
CA VAL B 355 7.88 -6.83 -12.56
C VAL B 355 7.22 -7.92 -11.75
N ALA B 356 5.97 -8.24 -12.07
CA ALA B 356 5.25 -9.28 -11.33
C ALA B 356 6.01 -10.63 -11.49
N GLU B 357 6.51 -10.86 -12.67
CA GLU B 357 7.24 -12.11 -12.93
C GLU B 357 8.54 -12.12 -11.98
N MET B 358 9.34 -11.06 -12.03
CA MET B 358 10.54 -10.82 -11.19
C MET B 358 10.22 -11.19 -9.74
N LEU B 359 9.01 -10.84 -9.30
CA LEU B 359 8.62 -10.96 -7.89
C LEU B 359 7.78 -12.22 -7.61
N ASN B 360 7.59 -13.08 -8.61
CA ASN B 360 6.78 -14.29 -8.44
C ASN B 360 5.33 -13.99 -7.92
N THR B 361 4.71 -12.95 -8.46
CA THR B 361 3.33 -12.61 -8.13
C THR B 361 2.61 -12.30 -9.45
N ILE B 362 1.53 -11.52 -9.40
CA ILE B 362 0.71 -11.22 -10.59
C ILE B 362 0.47 -9.71 -10.74
N ASN B 363 0.16 -9.29 -11.96
CA ASN B 363 0.00 -7.90 -12.21
C ASN B 363 -1.06 -7.28 -11.27
N TYR B 364 -2.13 -7.99 -10.94
CA TYR B 364 -3.13 -7.48 -10.00
C TYR B 364 -2.45 -6.91 -8.71
N GLU B 365 -1.48 -7.63 -8.14
CA GLU B 365 -0.89 -7.19 -6.86
C GLU B 365 0.03 -6.01 -7.10
N VAL B 366 0.79 -6.05 -8.18
CA VAL B 366 1.71 -4.95 -8.47
C VAL B 366 0.97 -3.60 -8.57
N VAL B 367 -0.15 -3.53 -9.30
CA VAL B 367 -0.83 -2.24 -9.42
C VAL B 367 -1.69 -1.93 -8.17
N SER B 368 -2.36 -2.93 -7.59
CA SER B 368 -3.28 -2.59 -6.49
C SER B 368 -2.58 -2.28 -5.16
N THR B 369 -1.26 -2.45 -5.07
CA THR B 369 -0.54 -2.05 -3.85
C THR B 369 0.23 -0.73 -4.02
N LEU B 370 -0.03 0.00 -5.08
CA LEU B 370 0.59 1.33 -5.22
C LEU B 370 -0.02 2.35 -4.22
N SER B 371 0.84 2.88 -3.34
CA SER B 371 0.41 3.66 -2.19
C SER B 371 -0.35 4.90 -2.64
N ARG B 372 -1.29 5.30 -1.82
CA ARG B 372 -2.06 6.48 -2.15
C ARG B 372 -1.21 7.80 -1.97
N ARG B 373 -0.03 7.71 -1.35
CA ARG B 373 0.81 8.90 -1.24
C ARG B 373 1.51 9.28 -2.57
N ILE B 374 1.45 8.41 -3.58
CA ILE B 374 1.86 8.74 -4.97
C ILE B 374 0.71 9.47 -5.67
N PRO B 375 0.91 10.70 -6.16
CA PRO B 375 -0.25 11.32 -6.82
C PRO B 375 -0.52 10.72 -8.20
N ARG B 376 -1.80 10.64 -8.60
CA ARG B 376 -2.20 10.13 -9.90
C ARG B 376 -2.59 11.25 -10.84
N PHE B 377 -2.04 11.20 -12.05
CA PHE B 377 -2.47 12.10 -13.12
C PHE B 377 -3.14 11.29 -14.21
N TYR B 378 -4.13 11.90 -14.86
CA TYR B 378 -4.93 11.23 -15.89
C TYR B 378 -4.74 11.86 -17.26
N ILE B 379 -4.59 11.01 -18.27
CA ILE B 379 -4.49 11.42 -19.66
C ILE B 379 -5.81 11.10 -20.38
N ARG B 380 -6.38 12.11 -21.02
CA ARG B 380 -7.61 11.93 -21.79
C ARG B 380 -7.54 12.78 -23.05
N ASP B 381 -7.81 12.19 -24.20
CA ASP B 381 -7.67 12.88 -25.49
C ASP B 381 -6.25 13.45 -25.56
N GLY B 382 -5.28 12.64 -25.13
CA GLY B 382 -3.87 12.99 -25.23
C GLY B 382 -3.32 14.02 -24.26
N GLU B 383 -4.13 14.57 -23.36
CA GLU B 383 -3.65 15.62 -22.43
C GLU B 383 -3.92 15.30 -20.95
N ILE B 384 -3.02 15.74 -20.06
CA ILE B 384 -3.07 15.44 -18.63
C ILE B 384 -4.08 16.26 -17.81
N PHE B 385 -4.54 15.69 -16.68
CA PHE B 385 -5.25 16.42 -15.60
C PHE B 385 -5.23 15.61 -14.26
N LYS B 386 -5.83 16.16 -13.20
CA LYS B 386 -5.93 15.42 -11.93
C LYS B 386 -7.36 15.47 -11.36
N1 PLP C . 17.21 8.37 9.45
C2 PLP C . 16.99 8.38 8.13
C2A PLP C . 17.90 9.20 7.24
C3 PLP C . 15.86 7.63 7.56
O3 PLP C . 15.57 7.59 6.24
C4 PLP C . 15.03 6.87 8.46
C4A PLP C . 13.87 6.14 7.87
C5 PLP C . 15.38 6.96 9.91
C6 PLP C . 16.48 7.69 10.31
C5A PLP C . 14.67 6.18 10.99
O4P PLP C . 15.28 4.90 11.00
P PLP C . 14.89 3.67 11.86
O1P PLP C . 15.88 2.78 11.36
O2P PLP C . 13.55 3.30 11.51
O3P PLP C . 14.99 4.12 13.22
CL CL D . 20.48 9.51 2.94
N1 PLP E . -15.50 -10.80 -10.02
C2 PLP E . -15.31 -10.80 -8.71
C2A PLP E . -16.22 -11.63 -7.85
C3 PLP E . -14.18 -10.03 -8.17
O3 PLP E . -13.93 -10.00 -6.86
C4 PLP E . -13.33 -9.31 -9.09
C4A PLP E . -12.27 -8.41 -8.58
C5 PLP E . -13.71 -9.38 -10.51
C6 PLP E . -14.78 -10.16 -10.90
C5A PLP E . -12.87 -8.72 -11.56
O4P PLP E . -11.99 -9.80 -11.90
P PLP E . -10.87 -9.66 -12.92
O1P PLP E . -10.15 -10.88 -12.83
O2P PLP E . -10.09 -8.55 -12.49
O3P PLP E . -11.54 -9.33 -14.14
CL CL F . -16.64 -15.02 -4.01
MG MG G . -2.47 3.09 0.40
MG MG H . -14.13 -10.01 -32.69
MG MG I . 3.72 -5.74 -1.69
#